data_1ESN
#
_entry.id   1ESN
#
_cell.length_a   130.08
_cell.length_b   130.08
_cell.length_c   281.75
_cell.angle_alpha   90.0
_cell.angle_beta   90.0
_cell.angle_gamma   120.0
#
_symmetry.space_group_name_H-M   'P 32 2 1'
#
loop_
_entity.id
_entity.type
_entity.pdbx_description
1 polymer 'PANTOTHENATE KINASE'
2 non-polymer 'MAGNESIUM ION'
3 non-polymer 'PHOSPHOAMINOPHOSPHONIC ACID-ADENYLATE ESTER'
4 water water
#
_entity_poly.entity_id   1
_entity_poly.type   'polypeptide(L)'
_entity_poly.pdbx_seq_one_letter_code
;(MSE)SIKEQTL(MSE)TPYLQFDRNQWAALRDSVP(MSE)TLSEDEIARLKGINEDLSLEEVAEIYLPLSRLLNFYISS
NLRRQAVLEQFLGTNGQRIPYIISIAGSVAVGKSTTARVLQALLSRWPEHRRVELITTDGFLHPNQVLKERGL(MSE)KK
KGFPESYD(MSE)HRLVKFVSDLKSGVPNVTAPVYSHLIYDVIPDGDKTVVQPDILILEGLNVLQSG(MSE)DYPHDPHH
VFVSDFVDFSIYVDAPEDLLQTWYINRFLKFREGAFTDPDSYFHNYAKLTKEEAIKTA(MSE)TLWKEINWLNLKQNILP
TRERASLILTKSANHAVEEVRLRK
;
_entity_poly.pdbx_strand_id   A,B,C,D
#
# COMPACT_ATOMS: atom_id res chain seq x y z
N GLN A 6 14.91 8.16 -13.13
CA GLN A 6 15.48 6.83 -13.47
C GLN A 6 14.37 5.78 -13.62
N THR A 7 14.21 5.27 -14.85
CA THR A 7 13.17 4.27 -15.09
C THR A 7 13.70 2.88 -15.47
N LEU A 8 13.28 1.89 -14.70
CA LEU A 8 13.66 0.49 -14.91
C LEU A 8 12.45 -0.32 -14.47
N THR A 10 12.30 -3.90 -12.14
CA THR A 10 12.43 -5.34 -12.15
C THR A 10 12.00 -5.93 -10.81
N PRO A 11 11.89 -7.26 -10.73
CA PRO A 11 11.50 -7.96 -9.51
C PRO A 11 12.61 -7.94 -8.47
N TYR A 12 13.64 -7.15 -8.75
CA TYR A 12 14.80 -7.07 -7.85
C TYR A 12 15.08 -5.67 -7.30
N LEU A 13 15.57 -5.64 -6.07
CA LEU A 13 15.96 -4.39 -5.43
C LEU A 13 17.42 -4.27 -5.85
N GLN A 14 17.85 -3.08 -6.25
CA GLN A 14 19.23 -2.92 -6.70
C GLN A 14 20.12 -2.11 -5.76
N PHE A 15 21.32 -2.61 -5.51
CA PHE A 15 22.30 -1.96 -4.64
C PHE A 15 23.67 -2.00 -5.28
N ASP A 16 24.33 -0.86 -5.36
CA ASP A 16 25.67 -0.86 -5.91
C ASP A 16 26.57 -1.10 -4.71
N ARG A 17 27.85 -1.32 -4.91
CA ARG A 17 28.73 -1.60 -3.79
C ARG A 17 28.53 -0.68 -2.60
N ASN A 18 28.66 0.62 -2.83
CA ASN A 18 28.51 1.63 -1.78
C ASN A 18 27.25 1.43 -0.94
N GLN A 19 26.09 1.45 -1.59
CA GLN A 19 24.85 1.28 -0.88
C GLN A 19 24.85 0.03 0.01
N TRP A 20 25.44 -1.06 -0.49
CA TRP A 20 25.48 -2.29 0.27
C TRP A 20 26.40 -2.17 1.48
N ALA A 21 27.64 -1.76 1.22
CA ALA A 21 28.62 -1.62 2.30
C ALA A 21 28.23 -0.55 3.29
N ALA A 22 27.11 0.12 3.02
CA ALA A 22 26.61 1.18 3.87
C ALA A 22 25.60 0.62 4.87
N LEU A 23 24.77 -0.31 4.42
CA LEU A 23 23.75 -0.91 5.28
C LEU A 23 24.33 -1.20 6.64
N ARG A 24 23.80 -0.55 7.68
CA ARG A 24 24.25 -0.79 9.05
C ARG A 24 22.97 -1.28 9.70
N ASP A 25 23.11 -2.12 10.72
CA ASP A 25 21.94 -2.61 11.40
C ASP A 25 22.03 -2.25 12.87
N SER A 26 20.88 -2.07 13.53
CA SER A 26 20.90 -1.74 14.95
C SER A 26 21.79 -2.79 15.57
N VAL A 27 22.89 -2.34 16.16
CA VAL A 27 23.89 -3.21 16.77
C VAL A 27 24.91 -3.63 15.70
N PRO A 28 26.08 -2.98 15.74
CA PRO A 28 27.31 -3.06 14.94
C PRO A 28 27.79 -4.42 14.44
N THR A 30 30.70 -6.72 13.25
CA THR A 30 32.14 -6.90 13.31
C THR A 30 32.46 -8.38 13.32
N LEU A 31 33.74 -8.69 13.17
CA LEU A 31 34.18 -10.08 13.15
C LEU A 31 35.27 -10.32 14.18
N SER A 32 35.06 -11.32 15.02
CA SER A 32 36.03 -11.63 16.05
C SER A 32 37.32 -12.21 15.47
N GLU A 33 38.32 -12.33 16.34
CA GLU A 33 39.61 -12.88 15.99
C GLU A 33 39.46 -14.19 15.23
N ASP A 34 38.96 -15.20 15.93
CA ASP A 34 38.77 -16.53 15.38
C ASP A 34 38.18 -16.56 13.96
N GLU A 35 37.04 -15.90 13.76
CA GLU A 35 36.41 -15.86 12.44
C GLU A 35 37.48 -15.40 11.46
N ILE A 36 38.00 -14.21 11.72
CA ILE A 36 39.04 -13.57 10.93
C ILE A 36 40.12 -14.57 10.47
N ALA A 37 40.28 -15.64 11.25
CA ALA A 37 41.25 -16.67 10.92
C ALA A 37 40.66 -17.64 9.91
N ARG A 38 39.62 -18.36 10.34
CA ARG A 38 38.92 -19.36 9.52
C ARG A 38 38.80 -19.01 8.04
N LEU A 39 38.67 -17.73 7.73
CA LEU A 39 38.51 -17.25 6.36
C LEU A 39 39.78 -17.12 5.49
N LYS A 40 40.89 -16.68 6.06
CA LYS A 40 42.13 -16.54 5.29
C LYS A 40 42.56 -17.91 4.79
N GLY A 41 42.17 -18.95 5.53
CA GLY A 41 42.52 -20.30 5.13
C GLY A 41 41.61 -20.71 3.98
N ILE A 42 40.39 -20.19 4.02
CA ILE A 42 39.39 -20.49 3.00
C ILE A 42 39.87 -20.08 1.60
N ASN A 43 40.20 -18.80 1.44
CA ASN A 43 40.68 -18.34 0.13
C ASN A 43 41.94 -17.49 0.15
N GLU A 44 42.16 -16.73 1.22
CA GLU A 44 43.36 -15.91 1.32
C GLU A 44 43.52 -14.88 0.20
N ASP A 45 42.73 -15.01 -0.87
CA ASP A 45 42.75 -14.05 -1.97
C ASP A 45 41.59 -13.12 -1.67
N LEU A 46 40.82 -13.55 -0.70
CA LEU A 46 39.66 -12.83 -0.22
C LEU A 46 40.16 -11.82 0.81
N SER A 47 39.88 -10.54 0.58
CA SER A 47 40.33 -9.52 1.52
C SER A 47 39.35 -9.45 2.68
N LEU A 48 39.84 -9.08 3.86
CA LEU A 48 39.00 -8.95 5.04
C LEU A 48 38.04 -7.79 4.85
N GLU A 49 38.49 -6.77 4.14
CA GLU A 49 37.64 -5.63 3.87
C GLU A 49 36.46 -6.09 2.98
N GLU A 50 36.74 -6.99 2.03
CA GLU A 50 35.70 -7.49 1.15
C GLU A 50 34.67 -8.28 1.96
N VAL A 51 35.16 -9.06 2.90
CA VAL A 51 34.30 -9.86 3.76
C VAL A 51 33.44 -8.98 4.66
N ALA A 52 34.05 -7.98 5.27
CA ALA A 52 33.32 -7.07 6.15
C ALA A 52 32.29 -6.25 5.39
N GLU A 53 32.70 -5.70 4.26
CA GLU A 53 31.82 -4.85 3.44
C GLU A 53 30.72 -5.57 2.64
N ILE A 54 30.93 -6.83 2.30
CA ILE A 54 29.96 -7.55 1.49
C ILE A 54 29.30 -8.77 2.14
N TYR A 55 30.09 -9.79 2.41
CA TYR A 55 29.57 -11.03 2.98
C TYR A 55 29.07 -10.94 4.42
N LEU A 56 29.68 -10.10 5.26
CA LEU A 56 29.20 -9.96 6.63
C LEU A 56 27.75 -9.52 6.57
N PRO A 57 27.46 -8.40 5.87
CA PRO A 57 26.08 -7.88 5.74
C PRO A 57 25.16 -8.87 5.03
N LEU A 58 25.74 -9.66 4.12
CA LEU A 58 24.95 -10.66 3.39
C LEU A 58 24.49 -11.68 4.41
N SER A 59 25.41 -12.20 5.20
CA SER A 59 25.08 -13.19 6.21
C SER A 59 24.05 -12.62 7.18
N ARG A 60 24.17 -11.32 7.45
CA ARG A 60 23.24 -10.63 8.33
C ARG A 60 21.86 -10.68 7.71
N LEU A 61 21.82 -10.41 6.41
CA LEU A 61 20.59 -10.42 5.65
C LEU A 61 19.93 -11.78 5.74
N LEU A 62 20.69 -12.81 5.38
CA LEU A 62 20.17 -14.16 5.41
C LEU A 62 19.63 -14.56 6.78
N ASN A 63 20.29 -14.09 7.84
CA ASN A 63 19.83 -14.44 9.18
C ASN A 63 18.40 -13.93 9.42
N PHE A 64 18.08 -12.75 8.92
CA PHE A 64 16.74 -12.20 9.10
C PHE A 64 15.75 -13.16 8.47
N TYR A 65 16.12 -13.64 7.29
CA TYR A 65 15.29 -14.58 6.55
C TYR A 65 15.13 -15.88 7.32
N ILE A 66 16.26 -16.48 7.69
CA ILE A 66 16.24 -17.73 8.45
C ILE A 66 15.46 -17.58 9.76
N SER A 67 15.81 -16.55 10.52
CA SER A 67 15.17 -16.27 11.81
C SER A 67 13.65 -16.11 11.65
N SER A 68 13.23 -15.31 10.67
CA SER A 68 11.80 -15.11 10.44
C SER A 68 11.12 -16.45 10.23
N ASN A 69 11.84 -17.35 9.57
CA ASN A 69 11.35 -18.69 9.29
C ASN A 69 11.07 -19.46 10.57
N LEU A 70 12.08 -19.54 11.43
CA LEU A 70 11.97 -20.24 12.71
C LEU A 70 10.79 -19.73 13.49
N ARG A 71 10.64 -18.40 13.54
CA ARG A 71 9.54 -17.77 14.25
C ARG A 71 8.25 -18.35 13.70
N ARG A 72 8.18 -18.51 12.39
CA ARG A 72 6.99 -19.07 11.76
C ARG A 72 6.81 -20.53 12.14
N GLN A 73 7.92 -21.28 12.15
CA GLN A 73 7.87 -22.68 12.50
C GLN A 73 7.15 -22.79 13.84
N ALA A 74 7.61 -22.01 14.81
CA ALA A 74 7.01 -22.01 16.15
C ALA A 74 5.51 -21.82 16.09
N VAL A 75 5.07 -20.69 15.53
CA VAL A 75 3.64 -20.38 15.41
C VAL A 75 2.85 -21.55 14.86
N LEU A 76 3.32 -22.11 13.74
CA LEU A 76 2.64 -23.23 13.11
C LEU A 76 2.73 -24.49 13.96
N GLU A 77 3.93 -24.83 14.43
CA GLU A 77 4.11 -26.01 15.26
C GLU A 77 3.05 -26.02 16.36
N GLN A 78 2.72 -24.83 16.84
CA GLN A 78 1.70 -24.62 17.87
C GLN A 78 0.36 -25.02 17.23
N PHE A 79 -0.12 -24.13 16.37
CA PHE A 79 -1.37 -24.27 15.65
C PHE A 79 -1.78 -25.68 15.18
N LEU A 80 -0.80 -26.46 14.74
CA LEU A 80 -1.11 -27.80 14.29
C LEU A 80 -0.51 -28.84 15.21
N GLY A 81 0.17 -28.37 16.26
CA GLY A 81 0.77 -29.30 17.20
C GLY A 81 1.67 -30.29 16.48
N THR A 82 2.91 -29.89 16.22
CA THR A 82 3.82 -30.79 15.54
C THR A 82 5.02 -31.07 16.43
N ASN A 83 5.27 -32.36 16.62
CA ASN A 83 6.37 -32.86 17.43
C ASN A 83 7.67 -32.09 17.23
N GLY A 84 8.56 -32.67 16.43
CA GLY A 84 9.84 -32.05 16.15
C GLY A 84 10.19 -31.94 14.68
N GLN A 85 10.87 -32.96 14.16
CA GLN A 85 11.31 -32.99 12.76
C GLN A 85 12.16 -31.74 12.48
N ARG A 86 13.48 -31.92 12.42
CA ARG A 86 14.38 -30.80 12.17
C ARG A 86 14.60 -30.61 10.67
N ILE A 87 13.78 -29.75 10.08
CA ILE A 87 13.88 -29.45 8.66
C ILE A 87 14.87 -28.32 8.50
N PRO A 88 16.01 -28.59 7.85
CA PRO A 88 17.00 -27.53 7.68
C PRO A 88 16.65 -26.50 6.62
N TYR A 89 17.22 -25.30 6.80
CA TYR A 89 17.02 -24.19 5.86
C TYR A 89 18.09 -24.39 4.80
N ILE A 90 17.66 -24.56 3.55
CA ILE A 90 18.63 -24.76 2.51
C ILE A 90 18.82 -23.53 1.68
N ILE A 91 20.09 -23.17 1.48
CA ILE A 91 20.49 -22.03 0.69
C ILE A 91 21.40 -22.57 -0.41
N SER A 92 21.05 -22.30 -1.67
CA SER A 92 21.85 -22.77 -2.79
C SER A 92 22.62 -21.62 -3.40
N ILE A 93 23.73 -21.96 -4.06
CA ILE A 93 24.58 -20.98 -4.69
C ILE A 93 24.91 -21.46 -6.10
N ALA A 94 24.55 -20.66 -7.10
CA ALA A 94 24.78 -21.00 -8.51
C ALA A 94 25.74 -20.05 -9.21
N GLY A 95 26.04 -20.35 -10.48
CA GLY A 95 26.95 -19.53 -11.26
C GLY A 95 27.76 -20.36 -12.24
N SER A 96 28.56 -19.71 -13.08
CA SER A 96 29.39 -20.43 -14.05
C SER A 96 30.65 -21.00 -13.35
N VAL A 97 31.57 -21.52 -14.15
CA VAL A 97 32.80 -22.11 -13.63
C VAL A 97 33.77 -21.07 -13.09
N ALA A 98 34.46 -21.42 -12.00
CA ALA A 98 35.46 -20.56 -11.36
C ALA A 98 34.94 -19.16 -11.03
N VAL A 99 33.64 -19.09 -10.78
CA VAL A 99 32.99 -17.82 -10.47
C VAL A 99 33.11 -17.48 -8.97
N GLY A 100 33.41 -18.50 -8.17
CA GLY A 100 33.55 -18.28 -6.73
C GLY A 100 32.41 -18.93 -5.97
N LYS A 101 31.77 -19.93 -6.56
CA LYS A 101 30.68 -20.62 -5.89
C LYS A 101 31.17 -21.22 -4.58
N SER A 102 32.24 -22.01 -4.66
CA SER A 102 32.80 -22.66 -3.48
C SER A 102 33.17 -21.70 -2.38
N THR A 103 33.96 -20.69 -2.75
CA THR A 103 34.40 -19.65 -1.82
C THR A 103 33.23 -18.99 -1.07
N THR A 104 32.25 -18.50 -1.83
CA THR A 104 31.08 -17.87 -1.23
C THR A 104 30.40 -18.80 -0.27
N ALA A 105 30.17 -20.04 -0.70
CA ALA A 105 29.52 -21.02 0.16
C ALA A 105 30.32 -21.20 1.44
N ARG A 106 31.58 -21.58 1.28
CA ARG A 106 32.45 -21.80 2.42
C ARG A 106 32.50 -20.62 3.39
N VAL A 107 32.49 -19.40 2.85
CA VAL A 107 32.52 -18.18 3.66
C VAL A 107 31.22 -17.97 4.44
N LEU A 108 30.08 -18.11 3.76
CA LEU A 108 28.78 -17.95 4.37
C LEU A 108 28.60 -19.00 5.47
N GLN A 109 29.10 -20.21 5.22
CA GLN A 109 29.01 -21.26 6.21
C GLN A 109 29.77 -20.83 7.47
N ALA A 110 30.89 -20.14 7.26
CA ALA A 110 31.69 -19.66 8.37
C ALA A 110 30.87 -18.66 9.19
N LEU A 111 30.51 -17.55 8.56
CA LEU A 111 29.72 -16.51 9.22
C LEU A 111 28.39 -16.98 9.81
N LEU A 112 27.62 -17.71 9.01
CA LEU A 112 26.32 -18.17 9.48
C LEU A 112 26.35 -18.96 10.77
N SER A 113 27.45 -19.67 11.01
CA SER A 113 27.58 -20.48 12.23
C SER A 113 27.58 -19.63 13.49
N ARG A 114 28.09 -18.41 13.35
CA ARG A 114 28.21 -17.47 14.47
C ARG A 114 26.89 -17.07 15.13
N TRP A 115 25.76 -17.52 14.60
CA TRP A 115 24.48 -17.16 15.22
C TRP A 115 23.98 -18.26 16.11
N PRO A 116 23.64 -17.93 17.38
CA PRO A 116 23.15 -19.00 18.25
C PRO A 116 21.85 -19.62 17.71
N GLU A 117 21.12 -18.89 16.82
CA GLU A 117 19.87 -19.38 16.25
C GLU A 117 20.11 -20.67 15.50
N HIS A 118 21.25 -20.85 14.87
CA HIS A 118 21.49 -22.20 14.33
C HIS A 118 22.80 -22.72 14.84
N ARG A 119 23.77 -22.01 14.24
CA ARG A 119 25.21 -22.17 14.41
C ARG A 119 25.74 -23.43 13.69
N ARG A 120 24.83 -24.20 13.07
CA ARG A 120 25.12 -25.56 12.53
C ARG A 120 24.80 -25.58 11.07
N VAL A 121 25.87 -25.67 10.31
CA VAL A 121 25.66 -25.46 8.92
C VAL A 121 26.52 -26.32 8.09
N GLU A 122 25.80 -27.13 7.35
CA GLU A 122 26.44 -28.05 6.49
C GLU A 122 26.57 -27.49 5.11
N LEU A 123 27.54 -28.00 4.36
CA LEU A 123 27.79 -27.54 3.00
C LEU A 123 28.06 -28.72 2.05
N ILE A 124 27.20 -28.84 1.04
CA ILE A 124 27.32 -29.90 0.04
C ILE A 124 27.50 -29.28 -1.33
N THR A 125 28.56 -29.67 -2.02
CA THR A 125 28.79 -29.15 -3.34
C THR A 125 28.32 -30.17 -4.38
N THR A 126 27.53 -29.66 -5.32
CA THR A 126 26.91 -30.40 -6.43
C THR A 126 27.82 -31.32 -7.27
N ASP A 127 29.13 -31.05 -7.29
CA ASP A 127 30.05 -31.89 -8.07
C ASP A 127 29.97 -33.36 -7.74
N GLY A 128 29.73 -33.66 -6.46
CA GLY A 128 29.65 -35.04 -6.04
C GLY A 128 28.55 -35.81 -6.73
N PHE A 129 27.58 -35.08 -7.30
CA PHE A 129 26.47 -35.73 -7.99
C PHE A 129 26.67 -35.96 -9.48
N LEU A 130 27.89 -35.77 -9.95
CA LEU A 130 28.19 -36.01 -11.35
C LEU A 130 28.26 -37.52 -11.51
N HIS A 131 28.18 -38.00 -12.75
CA HIS A 131 28.30 -39.43 -13.01
C HIS A 131 29.81 -39.74 -12.94
N PRO A 132 30.18 -40.86 -12.31
CA PRO A 132 31.60 -41.20 -12.22
C PRO A 132 32.24 -41.25 -13.60
N ASN A 133 33.51 -40.84 -13.68
CA ASN A 133 34.24 -40.81 -14.94
C ASN A 133 33.95 -42.02 -15.80
N GLN A 134 33.91 -43.19 -15.17
CA GLN A 134 33.63 -44.42 -15.88
C GLN A 134 32.34 -44.32 -16.71
N VAL A 135 31.28 -43.84 -16.07
CA VAL A 135 30.00 -43.69 -16.73
C VAL A 135 30.09 -42.60 -17.80
N LEU A 136 30.76 -41.50 -17.45
CA LEU A 136 30.96 -40.39 -18.38
C LEU A 136 31.64 -40.88 -19.66
N LYS A 137 32.71 -41.65 -19.51
CA LYS A 137 33.45 -42.20 -20.65
C LYS A 137 32.51 -42.99 -21.56
N GLU A 138 31.67 -43.83 -20.94
CA GLU A 138 30.70 -44.65 -21.66
C GLU A 138 29.73 -43.80 -22.48
N ARG A 139 29.40 -42.61 -21.97
CA ARG A 139 28.47 -41.72 -22.67
C ARG A 139 29.22 -40.65 -23.44
N GLY A 140 30.53 -40.78 -23.49
CA GLY A 140 31.36 -39.81 -24.20
C GLY A 140 31.11 -38.39 -23.73
N LEU A 141 31.10 -38.22 -22.42
CA LEU A 141 30.83 -36.93 -21.82
C LEU A 141 31.94 -36.43 -20.96
N LYS A 143 34.31 -34.43 -21.38
CA LYS A 143 34.87 -33.17 -21.79
C LYS A 143 33.64 -32.27 -21.51
N LYS A 144 32.51 -32.95 -21.24
CA LYS A 144 31.22 -32.29 -20.97
C LYS A 144 30.81 -32.29 -19.47
N LYS A 145 31.77 -32.47 -18.59
CA LYS A 145 31.48 -32.46 -17.15
C LYS A 145 30.84 -31.12 -16.77
N GLY A 146 29.64 -31.14 -16.20
CA GLY A 146 28.99 -29.89 -15.83
C GLY A 146 27.76 -29.63 -16.69
N PHE A 147 27.52 -30.51 -17.66
CA PHE A 147 26.35 -30.38 -18.53
C PHE A 147 25.22 -31.18 -17.91
N PRO A 148 23.97 -30.79 -18.18
CA PRO A 148 22.84 -31.56 -17.61
C PRO A 148 23.01 -33.08 -17.69
N GLU A 149 23.60 -33.58 -18.76
CA GLU A 149 23.79 -35.02 -18.91
C GLU A 149 24.93 -35.64 -18.08
N SER A 150 25.81 -34.82 -17.54
CA SER A 150 26.93 -35.31 -16.74
C SER A 150 26.50 -35.36 -15.29
N TYR A 151 25.25 -35.00 -15.04
CA TYR A 151 24.74 -35.00 -13.68
C TYR A 151 23.71 -36.06 -13.49
N ASP A 152 23.67 -36.62 -12.30
CA ASP A 152 22.70 -37.63 -11.96
C ASP A 152 21.75 -36.86 -11.08
N HIS A 154 18.65 -36.97 -10.52
CA HIS A 154 17.44 -37.54 -10.01
C HIS A 154 17.90 -37.80 -8.60
N ARG A 155 19.16 -38.17 -8.45
CA ARG A 155 19.72 -38.43 -7.14
C ARG A 155 19.83 -37.14 -6.34
N LEU A 156 20.26 -36.06 -6.98
CA LEU A 156 20.41 -34.77 -6.32
C LEU A 156 19.08 -34.25 -5.80
N VAL A 157 18.08 -34.21 -6.67
CA VAL A 157 16.77 -33.74 -6.24
C VAL A 157 16.31 -34.60 -5.06
N LYS A 158 16.60 -35.90 -5.13
CA LYS A 158 16.22 -36.83 -4.07
C LYS A 158 16.90 -36.42 -2.78
N PHE A 159 18.14 -35.99 -2.91
CA PHE A 159 18.89 -35.57 -1.74
C PHE A 159 18.18 -34.48 -0.95
N VAL A 160 17.97 -33.32 -1.60
CA VAL A 160 17.30 -32.21 -0.94
C VAL A 160 15.86 -32.57 -0.59
N SER A 161 15.24 -33.43 -1.41
CA SER A 161 13.87 -33.83 -1.15
C SER A 161 13.82 -34.59 0.16
N ASP A 162 14.80 -35.47 0.36
CA ASP A 162 14.88 -36.24 1.58
C ASP A 162 15.08 -35.28 2.75
N LEU A 163 16.07 -34.39 2.63
CA LEU A 163 16.36 -33.40 3.66
C LEU A 163 15.09 -32.65 4.07
N LYS A 164 14.31 -32.22 3.07
CA LYS A 164 13.09 -31.49 3.32
C LYS A 164 11.93 -32.40 3.72
N SER A 165 12.21 -33.70 3.81
CA SER A 165 11.21 -34.69 4.19
C SER A 165 11.31 -35.06 5.67
N GLY A 166 12.38 -34.63 6.32
CA GLY A 166 12.54 -34.96 7.72
C GLY A 166 13.44 -36.16 7.92
N VAL A 167 13.98 -36.71 6.84
CA VAL A 167 14.88 -37.85 6.96
C VAL A 167 16.06 -37.39 7.81
N PRO A 168 16.32 -38.09 8.92
CA PRO A 168 17.40 -37.79 9.88
C PRO A 168 18.80 -37.64 9.28
N ASN A 169 19.36 -38.77 8.87
CA ASN A 169 20.69 -38.81 8.30
C ASN A 169 20.56 -39.13 6.84
N VAL A 170 20.97 -38.19 6.01
CA VAL A 170 20.90 -38.35 4.57
C VAL A 170 22.34 -38.28 4.08
N THR A 171 22.73 -39.24 3.26
CA THR A 171 24.08 -39.28 2.74
C THR A 171 24.16 -38.67 1.35
N ALA A 172 25.34 -38.14 1.01
CA ALA A 172 25.56 -37.52 -0.28
C ALA A 172 26.93 -37.91 -0.86
N PRO A 173 26.99 -38.15 -2.18
CA PRO A 173 28.27 -38.52 -2.80
C PRO A 173 29.26 -37.36 -2.71
N VAL A 174 30.55 -37.66 -2.76
CA VAL A 174 31.54 -36.59 -2.70
C VAL A 174 32.53 -36.64 -3.86
N TYR A 175 32.80 -35.48 -4.43
CA TYR A 175 33.72 -35.37 -5.56
C TYR A 175 35.11 -35.00 -5.07
N SER A 176 36.13 -35.56 -5.72
CA SER A 176 37.51 -35.31 -5.34
C SER A 176 38.22 -34.39 -6.33
N HIS A 177 38.82 -33.33 -5.80
CA HIS A 177 39.52 -32.39 -6.65
C HIS A 177 40.95 -32.84 -6.92
N LEU A 178 41.27 -34.04 -6.42
CA LEU A 178 42.60 -34.62 -6.59
C LEU A 178 42.61 -35.57 -7.77
N ILE A 179 41.63 -36.47 -7.78
CA ILE A 179 41.49 -37.46 -8.84
C ILE A 179 40.37 -37.06 -9.80
N TYR A 180 39.74 -35.93 -9.50
CA TYR A 180 38.60 -35.43 -10.26
C TYR A 180 37.71 -36.55 -10.77
N ASP A 181 37.01 -37.12 -9.81
CA ASP A 181 36.05 -38.18 -9.99
C ASP A 181 35.37 -38.33 -8.65
N VAL A 182 34.12 -38.80 -8.66
CA VAL A 182 33.37 -38.97 -7.44
C VAL A 182 34.03 -40.07 -6.62
N ILE A 183 34.38 -39.76 -5.37
CA ILE A 183 35.04 -40.73 -4.48
C ILE A 183 34.21 -42.01 -4.22
N PRO A 184 34.68 -43.16 -4.77
CA PRO A 184 34.09 -44.51 -4.67
C PRO A 184 33.22 -44.75 -3.44
N ASP A 185 33.84 -44.73 -2.27
CA ASP A 185 33.09 -44.95 -1.06
C ASP A 185 33.36 -43.82 -0.09
N GLY A 186 33.28 -42.59 -0.61
CA GLY A 186 33.53 -41.42 0.22
C GLY A 186 32.31 -40.55 0.44
N ASP A 187 31.12 -41.16 0.38
CA ASP A 187 29.87 -40.44 0.57
C ASP A 187 29.82 -39.85 1.97
N LYS A 188 29.33 -38.62 2.05
CA LYS A 188 29.21 -37.87 3.30
C LYS A 188 27.83 -37.99 3.93
N THR A 189 27.78 -38.02 5.26
CA THR A 189 26.51 -38.13 5.96
C THR A 189 26.09 -36.80 6.58
N VAL A 190 24.95 -36.26 6.14
CA VAL A 190 24.49 -35.00 6.68
C VAL A 190 23.59 -35.26 7.88
N VAL A 191 24.13 -34.98 9.07
CA VAL A 191 23.41 -35.22 10.31
C VAL A 191 22.61 -34.01 10.80
N GLN A 192 21.34 -33.96 10.38
CA GLN A 192 20.41 -32.89 10.74
C GLN A 192 21.04 -31.53 11.04
N PRO A 193 21.41 -30.78 9.99
CA PRO A 193 22.01 -29.47 10.22
C PRO A 193 20.89 -28.45 10.33
N ASP A 194 21.21 -27.24 10.80
CA ASP A 194 20.20 -26.20 10.92
C ASP A 194 20.08 -25.56 9.53
N ILE A 195 21.23 -25.37 8.89
CA ILE A 195 21.28 -24.80 7.56
C ILE A 195 22.16 -25.66 6.67
N LEU A 196 21.71 -25.91 5.44
CA LEU A 196 22.49 -26.68 4.48
C LEU A 196 22.70 -25.75 3.29
N ILE A 197 23.96 -25.55 2.93
CA ILE A 197 24.28 -24.69 1.79
C ILE A 197 24.67 -25.61 0.64
N LEU A 198 23.96 -25.49 -0.48
CA LEU A 198 24.19 -26.32 -1.66
C LEU A 198 24.84 -25.52 -2.78
N GLU A 199 26.15 -25.69 -2.95
CA GLU A 199 26.87 -24.98 -4.01
C GLU A 199 27.03 -25.85 -5.27
N GLY A 200 26.79 -25.27 -6.44
CA GLY A 200 26.94 -26.01 -7.66
C GLY A 200 26.51 -25.19 -8.85
N LEU A 201 26.82 -25.66 -10.05
CA LEU A 201 26.46 -24.96 -11.29
C LEU A 201 24.97 -25.07 -11.58
N ASN A 202 24.41 -26.22 -11.28
CA ASN A 202 23.00 -26.53 -11.58
C ASN A 202 21.89 -26.35 -10.55
N VAL A 203 22.20 -25.79 -9.40
CA VAL A 203 21.16 -25.64 -8.38
C VAL A 203 19.89 -24.91 -8.81
N LEU A 204 19.96 -24.17 -9.92
CA LEU A 204 18.80 -23.40 -10.39
C LEU A 204 18.03 -24.00 -11.56
N GLN A 205 18.52 -25.12 -12.08
CA GLN A 205 17.89 -25.79 -13.22
C GLN A 205 16.61 -26.55 -12.92
N SER A 206 15.84 -26.81 -13.97
CA SER A 206 14.57 -27.53 -13.86
C SER A 206 14.56 -28.67 -14.87
N GLY A 207 13.45 -29.41 -14.93
CA GLY A 207 13.36 -30.52 -15.87
C GLY A 207 13.49 -30.08 -17.30
N ASP A 209 15.72 -28.52 -18.49
CA ASP A 209 17.15 -28.60 -18.82
C ASP A 209 17.63 -30.05 -18.97
N TYR A 210 16.76 -30.99 -18.65
CA TYR A 210 17.07 -32.42 -18.71
C TYR A 210 16.00 -33.16 -19.51
N PRO A 211 15.87 -32.82 -20.80
CA PRO A 211 14.87 -33.49 -21.64
C PRO A 211 15.17 -34.96 -21.90
N HIS A 212 16.46 -35.31 -21.86
CA HIS A 212 16.89 -36.67 -22.09
C HIS A 212 16.44 -37.58 -20.95
N ASP A 213 16.21 -36.98 -19.79
CA ASP A 213 15.75 -37.70 -18.61
C ASP A 213 15.12 -36.68 -17.66
N PRO A 214 13.91 -36.22 -18.00
CA PRO A 214 13.13 -35.24 -17.25
C PRO A 214 12.78 -35.58 -15.81
N HIS A 215 12.62 -34.52 -14.99
CA HIS A 215 12.21 -34.65 -13.60
C HIS A 215 11.18 -33.54 -13.40
N HIS A 216 10.14 -33.78 -12.62
CA HIS A 216 9.07 -32.79 -12.46
C HIS A 216 8.95 -31.94 -11.20
N VAL A 217 9.86 -32.13 -10.27
CA VAL A 217 9.91 -31.34 -9.04
C VAL A 217 11.39 -31.03 -8.97
N PHE A 218 11.72 -29.74 -8.96
CA PHE A 218 13.11 -29.31 -9.00
C PHE A 218 13.82 -28.99 -7.69
N VAL A 219 15.13 -28.89 -7.80
CA VAL A 219 15.97 -28.57 -6.65
C VAL A 219 15.46 -27.32 -5.97
N SER A 220 15.07 -26.32 -6.75
CA SER A 220 14.57 -25.07 -6.20
C SER A 220 13.31 -25.26 -5.35
N ASP A 221 12.55 -26.32 -5.64
CA ASP A 221 11.32 -26.60 -4.91
C ASP A 221 11.64 -26.99 -3.47
N PHE A 222 12.90 -27.29 -3.22
CA PHE A 222 13.35 -27.69 -1.89
C PHE A 222 14.43 -26.76 -1.32
N VAL A 223 14.63 -25.61 -1.95
CA VAL A 223 15.60 -24.64 -1.48
C VAL A 223 14.86 -23.40 -0.99
N ASP A 224 15.27 -22.91 0.16
CA ASP A 224 14.64 -21.73 0.78
C ASP A 224 15.12 -20.41 0.17
N PHE A 225 16.43 -20.33 -0.03
CA PHE A 225 17.03 -19.12 -0.56
C PHE A 225 18.12 -19.48 -1.55
N SER A 226 18.06 -18.89 -2.74
CA SER A 226 19.08 -19.17 -3.74
C SER A 226 19.87 -17.93 -4.13
N ILE A 227 21.18 -18.11 -4.30
CA ILE A 227 22.09 -17.03 -4.68
C ILE A 227 22.79 -17.33 -6.00
N TYR A 228 22.71 -16.42 -6.96
CA TYR A 228 23.40 -16.65 -8.24
C TYR A 228 24.57 -15.67 -8.32
N VAL A 229 25.77 -16.18 -8.61
CA VAL A 229 26.96 -15.36 -8.72
C VAL A 229 27.23 -15.03 -10.20
N ASP A 230 26.99 -13.77 -10.54
CA ASP A 230 27.12 -13.22 -11.88
C ASP A 230 28.44 -12.52 -12.20
N ALA A 231 28.68 -12.35 -13.49
CA ALA A 231 29.88 -11.68 -13.98
C ALA A 231 29.80 -11.66 -15.49
N PRO A 232 30.25 -10.57 -16.12
CA PRO A 232 30.22 -10.44 -17.59
C PRO A 232 30.94 -11.59 -18.27
N GLU A 233 30.42 -12.03 -19.41
CA GLU A 233 31.01 -13.13 -20.15
C GLU A 233 32.53 -13.06 -20.27
N ASP A 234 33.07 -11.96 -20.80
CA ASP A 234 34.52 -11.84 -20.95
C ASP A 234 35.29 -12.18 -19.67
N LEU A 235 34.69 -11.90 -18.52
CA LEU A 235 35.32 -12.19 -17.24
C LEU A 235 35.30 -13.69 -17.01
N LEU A 236 34.12 -14.28 -17.16
CA LEU A 236 33.93 -15.72 -16.99
C LEU A 236 34.95 -16.48 -17.84
N GLN A 237 35.18 -15.99 -19.06
CA GLN A 237 36.15 -16.59 -19.96
C GLN A 237 37.53 -16.63 -19.31
N THR A 238 37.96 -15.47 -18.82
CA THR A 238 39.27 -15.35 -18.17
C THR A 238 39.39 -16.25 -16.96
N TRP A 239 38.36 -16.27 -16.12
CA TRP A 239 38.36 -17.10 -14.93
C TRP A 239 38.44 -18.57 -15.27
N TYR A 240 37.71 -18.96 -16.31
CA TYR A 240 37.71 -20.33 -16.78
C TYR A 240 39.13 -20.69 -17.21
N ILE A 241 39.67 -19.85 -18.10
CA ILE A 241 41.01 -20.02 -18.62
C ILE A 241 42.01 -20.20 -17.46
N ASN A 242 41.98 -19.27 -16.51
CA ASN A 242 42.90 -19.36 -15.37
C ASN A 242 42.76 -20.68 -14.62
N ARG A 243 41.53 -21.12 -14.39
CA ARG A 243 41.32 -22.40 -13.69
C ARG A 243 42.02 -23.51 -14.47
N PHE A 244 41.75 -23.55 -15.77
CA PHE A 244 42.36 -24.53 -16.65
C PHE A 244 43.88 -24.46 -16.48
N LEU A 245 44.43 -23.27 -16.69
CA LEU A 245 45.85 -23.05 -16.55
C LEU A 245 46.37 -23.70 -15.27
N LYS A 246 45.71 -23.42 -14.15
CA LYS A 246 46.12 -23.96 -12.86
C LYS A 246 45.83 -25.45 -12.67
N PHE A 247 44.65 -25.90 -13.08
CA PHE A 247 44.24 -27.30 -12.92
C PHE A 247 44.42 -28.22 -14.12
N ARG A 248 44.45 -27.64 -15.32
CA ARG A 248 44.63 -28.42 -16.54
C ARG A 248 43.64 -29.60 -16.56
N GLU A 249 42.49 -29.41 -15.91
CA GLU A 249 41.46 -30.42 -15.83
C GLU A 249 41.98 -31.77 -15.33
N GLY A 250 42.47 -31.78 -14.09
CA GLY A 250 42.98 -32.99 -13.50
C GLY A 250 44.26 -33.47 -14.15
N ALA A 251 44.70 -32.78 -15.20
CA ALA A 251 45.91 -33.16 -15.93
C ALA A 251 47.00 -33.56 -14.96
N PHE A 252 47.19 -32.74 -13.92
CA PHE A 252 48.21 -33.00 -12.92
C PHE A 252 47.80 -34.08 -11.92
N THR A 253 47.67 -33.76 -10.64
CA THR A 253 47.28 -34.73 -9.61
C THR A 253 46.54 -35.92 -10.24
N ASP A 254 47.27 -37.00 -10.49
CA ASP A 254 46.75 -38.23 -11.10
C ASP A 254 47.88 -38.86 -11.92
N PRO A 255 48.10 -40.18 -11.78
CA PRO A 255 49.17 -40.87 -12.53
C PRO A 255 49.33 -40.24 -13.92
N ASP A 256 48.27 -40.40 -14.70
CA ASP A 256 48.15 -39.87 -16.05
C ASP A 256 46.64 -39.81 -16.19
N SER A 257 46.08 -38.72 -15.65
CA SER A 257 44.65 -38.47 -15.67
C SER A 257 44.11 -38.72 -17.07
N TYR A 258 42.79 -38.78 -17.18
CA TYR A 258 42.20 -38.99 -18.47
C TYR A 258 42.71 -37.87 -19.38
N PHE A 259 43.01 -36.72 -18.78
CA PHE A 259 43.52 -35.57 -19.53
C PHE A 259 44.99 -35.31 -19.23
N HIS A 260 45.72 -36.38 -18.93
CA HIS A 260 47.14 -36.30 -18.60
C HIS A 260 47.92 -35.52 -19.66
N ASN A 261 47.48 -35.65 -20.91
CA ASN A 261 48.12 -34.98 -22.03
C ASN A 261 48.23 -33.46 -21.91
N TYR A 262 47.30 -32.86 -21.19
CA TYR A 262 47.28 -31.41 -20.98
C TYR A 262 48.50 -30.95 -20.18
N ALA A 263 49.13 -31.88 -19.46
CA ALA A 263 50.29 -31.56 -18.65
C ALA A 263 51.40 -30.97 -19.53
N LYS A 264 51.77 -31.68 -20.60
CA LYS A 264 52.83 -31.24 -21.51
C LYS A 264 52.60 -29.88 -22.17
N LEU A 265 51.34 -29.43 -22.23
CA LEU A 265 51.01 -28.15 -22.85
C LEU A 265 51.79 -26.98 -22.26
N THR A 266 52.25 -26.10 -23.13
CA THR A 266 52.98 -24.91 -22.71
C THR A 266 51.93 -23.86 -22.41
N LYS A 267 52.28 -22.82 -21.65
CA LYS A 267 51.29 -21.80 -21.32
C LYS A 267 50.48 -21.40 -22.54
N GLU A 268 51.17 -20.91 -23.58
CA GLU A 268 50.48 -20.48 -24.80
C GLU A 268 49.53 -21.54 -25.35
N GLU A 269 49.98 -22.80 -25.31
CA GLU A 269 49.17 -23.90 -25.79
C GLU A 269 47.99 -24.10 -24.85
N ALA A 270 48.27 -24.05 -23.55
CA ALA A 270 47.25 -24.23 -22.53
C ALA A 270 46.10 -23.24 -22.65
N ILE A 271 46.40 -21.95 -22.72
CA ILE A 271 45.29 -20.99 -22.83
C ILE A 271 44.65 -21.15 -24.21
N LYS A 272 45.45 -21.55 -25.18
CA LYS A 272 44.95 -21.77 -26.53
C LYS A 272 43.88 -22.87 -26.43
N THR A 273 44.19 -23.92 -25.69
CA THR A 273 43.27 -25.05 -25.50
C THR A 273 42.08 -24.62 -24.66
N ALA A 274 42.39 -23.96 -23.56
CA ALA A 274 41.39 -23.50 -22.61
C ALA A 274 40.33 -22.75 -23.35
N THR A 276 39.43 -22.94 -26.44
CA THR A 276 38.77 -23.67 -27.51
C THR A 276 37.68 -24.43 -26.78
N LEU A 277 38.04 -24.94 -25.60
CA LEU A 277 37.10 -25.67 -24.76
C LEU A 277 35.98 -24.73 -24.31
N TRP A 278 36.35 -23.50 -23.96
CA TRP A 278 35.39 -22.50 -23.53
C TRP A 278 34.45 -22.17 -24.67
N LYS A 279 35.02 -21.58 -25.71
CA LYS A 279 34.29 -21.16 -26.90
C LYS A 279 33.43 -22.25 -27.54
N GLU A 280 33.86 -23.51 -27.44
CA GLU A 280 33.10 -24.56 -28.08
C GLU A 280 32.27 -25.47 -27.17
N ILE A 281 32.56 -25.45 -25.88
CA ILE A 281 31.81 -26.28 -24.95
C ILE A 281 31.17 -25.49 -23.83
N ASN A 282 31.99 -25.15 -22.84
CA ASN A 282 31.53 -24.43 -21.66
C ASN A 282 30.84 -23.10 -21.90
N TRP A 283 31.29 -22.35 -22.90
CA TRP A 283 30.65 -21.08 -23.14
C TRP A 283 29.19 -21.33 -23.52
N LEU A 284 28.93 -22.44 -24.16
CA LEU A 284 27.57 -22.77 -24.55
C LEU A 284 26.79 -23.38 -23.39
N ASN A 285 27.49 -24.02 -22.46
CA ASN A 285 26.83 -24.61 -21.31
C ASN A 285 26.26 -23.43 -20.53
N LEU A 286 27.09 -22.40 -20.37
CA LEU A 286 26.69 -21.20 -19.65
C LEU A 286 25.54 -20.56 -20.39
N LYS A 287 25.83 -20.06 -21.58
CA LYS A 287 24.83 -19.41 -22.39
C LYS A 287 23.46 -20.08 -22.39
N GLN A 288 23.41 -21.40 -22.40
CA GLN A 288 22.10 -22.05 -22.48
C GLN A 288 21.59 -22.88 -21.32
N ASN A 289 22.46 -23.22 -20.38
CA ASN A 289 22.01 -24.04 -19.26
C ASN A 289 22.12 -23.33 -17.92
N ILE A 290 23.07 -22.41 -17.83
CA ILE A 290 23.30 -21.69 -16.59
C ILE A 290 22.72 -20.26 -16.56
N LEU A 291 23.25 -19.39 -17.41
CA LEU A 291 22.79 -18.01 -17.47
C LEU A 291 21.27 -17.83 -17.41
N PRO A 292 20.53 -18.61 -18.20
CA PRO A 292 19.06 -18.49 -18.21
C PRO A 292 18.39 -18.67 -16.86
N THR A 293 19.09 -19.30 -15.93
CA THR A 293 18.52 -19.54 -14.60
C THR A 293 18.79 -18.41 -13.61
N ARG A 294 19.64 -17.45 -13.99
CA ARG A 294 19.97 -16.33 -13.11
C ARG A 294 18.74 -15.66 -12.49
N GLU A 295 17.78 -15.29 -13.34
CA GLU A 295 16.57 -14.62 -12.90
C GLU A 295 15.70 -15.47 -11.99
N ARG A 296 16.11 -16.72 -11.76
CA ARG A 296 15.37 -17.65 -10.89
C ARG A 296 15.94 -17.60 -9.49
N ALA A 297 17.03 -16.85 -9.33
CA ALA A 297 17.70 -16.72 -8.04
C ALA A 297 16.97 -15.76 -7.11
N SER A 298 17.19 -15.92 -5.81
CA SER A 298 16.59 -15.04 -4.81
C SER A 298 17.41 -13.76 -4.74
N LEU A 299 18.73 -13.94 -4.80
CA LEU A 299 19.67 -12.84 -4.75
C LEU A 299 20.75 -13.05 -5.80
N ILE A 300 21.17 -11.95 -6.43
CA ILE A 300 22.18 -11.99 -7.46
C ILE A 300 23.38 -11.12 -7.08
N LEU A 301 24.57 -11.71 -7.14
CA LEU A 301 25.81 -11.00 -6.85
C LEU A 301 26.54 -10.76 -8.18
N THR A 302 26.95 -9.53 -8.43
CA THR A 302 27.65 -9.23 -9.67
C THR A 302 29.09 -8.82 -9.32
N LYS A 303 30.06 -9.56 -9.85
CA LYS A 303 31.48 -9.31 -9.57
C LYS A 303 32.23 -8.54 -10.64
N SER A 304 33.38 -7.98 -10.26
CA SER A 304 34.24 -7.24 -11.16
C SER A 304 35.49 -8.09 -11.42
N ALA A 305 36.30 -7.67 -12.37
CA ALA A 305 37.52 -8.39 -12.75
C ALA A 305 38.28 -9.08 -11.63
N ASN A 306 38.30 -8.52 -10.43
CA ASN A 306 39.05 -9.15 -9.35
C ASN A 306 38.19 -9.79 -8.28
N HIS A 307 37.02 -10.27 -8.68
CA HIS A 307 36.10 -10.92 -7.77
C HIS A 307 35.47 -10.01 -6.71
N ALA A 308 35.71 -8.71 -6.83
CA ALA A 308 35.12 -7.75 -5.92
C ALA A 308 33.64 -7.67 -6.30
N VAL A 309 32.75 -7.69 -5.32
CA VAL A 309 31.32 -7.60 -5.62
C VAL A 309 30.93 -6.14 -5.85
N GLU A 310 30.39 -5.87 -7.04
CA GLU A 310 29.99 -4.53 -7.43
C GLU A 310 28.48 -4.24 -7.31
N GLU A 311 27.66 -5.27 -7.39
CA GLU A 311 26.22 -5.07 -7.30
C GLU A 311 25.55 -6.18 -6.54
N VAL A 312 24.38 -5.87 -6.01
CA VAL A 312 23.61 -6.84 -5.25
C VAL A 312 22.14 -6.63 -5.57
N ARG A 313 21.49 -7.68 -6.02
CA ARG A 313 20.07 -7.62 -6.34
C ARG A 313 19.33 -8.61 -5.44
N LEU A 314 18.28 -8.13 -4.78
CA LEU A 314 17.51 -8.96 -3.88
C LEU A 314 16.03 -8.90 -4.27
N ARG A 315 15.42 -10.06 -4.46
CA ARG A 315 14.02 -10.10 -4.85
C ARG A 315 13.13 -9.28 -3.91
N LYS A 316 12.28 -8.46 -4.51
CA LYS A 316 11.36 -7.64 -3.76
C LYS A 316 10.32 -8.58 -3.14
N LEU B 8 7.76 -44.44 5.93
CA LEU B 8 8.33 -43.87 4.67
C LEU B 8 8.11 -42.41 4.78
N THR B 10 8.09 -38.29 3.81
CA THR B 10 7.87 -37.41 2.68
C THR B 10 7.97 -35.91 2.93
N PRO B 11 7.89 -35.09 1.86
CA PRO B 11 7.96 -33.64 2.02
C PRO B 11 6.65 -32.97 2.46
N TYR B 12 5.58 -33.75 2.67
CA TYR B 12 4.28 -33.20 3.08
C TYR B 12 3.77 -33.73 4.42
N LEU B 13 3.15 -32.86 5.20
CA LEU B 13 2.55 -33.26 6.47
C LEU B 13 1.17 -33.71 6.03
N GLN B 14 0.63 -34.74 6.66
CA GLN B 14 -0.68 -35.23 6.27
C GLN B 14 -1.74 -35.04 7.35
N PHE B 15 -2.96 -34.76 6.90
CA PHE B 15 -4.12 -34.56 7.77
C PHE B 15 -5.34 -35.17 7.09
N ASP B 16 -6.15 -35.91 7.84
CA ASP B 16 -7.38 -36.46 7.27
C ASP B 16 -8.43 -35.45 7.69
N ARG B 17 -9.61 -35.48 7.06
CA ARG B 17 -10.67 -34.52 7.40
C ARG B 17 -10.72 -34.20 8.90
N ASN B 18 -10.75 -35.24 9.73
CA ASN B 18 -10.81 -35.11 11.19
C ASN B 18 -9.75 -34.14 11.76
N GLN B 19 -8.49 -34.52 11.63
CA GLN B 19 -7.36 -33.73 12.13
C GLN B 19 -7.41 -32.25 11.74
N TRP B 20 -7.87 -31.97 10.52
CA TRP B 20 -7.97 -30.60 10.02
C TRP B 20 -9.07 -29.81 10.71
N ALA B 21 -10.29 -30.33 10.61
CA ALA B 21 -11.46 -29.70 11.22
C ALA B 21 -11.29 -29.63 12.73
N ALA B 22 -10.11 -30.04 13.20
CA ALA B 22 -9.78 -30.06 14.62
C ALA B 22 -8.93 -28.88 15.08
N LEU B 23 -7.97 -28.46 14.27
CA LEU B 23 -7.12 -27.34 14.66
C LEU B 23 -7.81 -25.98 14.45
N ARG B 24 -9.12 -26.00 14.22
CA ARG B 24 -9.89 -24.78 14.00
C ARG B 24 -10.58 -24.31 15.28
N ASP B 25 -10.53 -25.17 16.31
CA ASP B 25 -11.12 -24.85 17.60
C ASP B 25 -10.23 -23.76 18.20
N SER B 26 -8.94 -23.80 17.85
CA SER B 26 -7.97 -22.81 18.29
C SER B 26 -8.54 -21.45 17.86
N VAL B 27 -8.50 -20.46 18.75
CA VAL B 27 -9.08 -19.14 18.47
C VAL B 27 -10.43 -19.34 17.81
N PRO B 28 -11.47 -19.56 18.63
CA PRO B 28 -12.86 -19.80 18.21
C PRO B 28 -13.18 -19.00 16.98
N THR B 30 -15.62 -17.69 14.25
CA THR B 30 -16.97 -17.37 13.79
C THR B 30 -16.94 -16.53 12.53
N LEU B 31 -18.07 -15.92 12.20
CA LEU B 31 -18.17 -15.10 11.01
C LEU B 31 -19.53 -14.39 10.84
N SER B 32 -19.46 -13.14 10.42
CA SER B 32 -20.65 -12.32 10.21
C SER B 32 -21.66 -12.92 9.21
N GLU B 33 -22.91 -12.52 9.37
CA GLU B 33 -24.03 -12.98 8.55
C GLU B 33 -24.01 -12.59 7.07
N ASP B 34 -23.34 -11.48 6.74
CA ASP B 34 -23.28 -10.99 5.36
C ASP B 34 -22.27 -11.80 4.55
N GLU B 35 -21.23 -12.26 5.22
CA GLU B 35 -20.20 -13.06 4.57
C GLU B 35 -20.84 -14.39 4.22
N ILE B 36 -21.73 -14.85 5.09
CA ILE B 36 -22.46 -16.09 4.88
C ILE B 36 -23.32 -15.93 3.64
N ALA B 37 -23.85 -14.72 3.44
CA ALA B 37 -24.66 -14.43 2.27
C ALA B 37 -23.70 -14.54 1.08
N ARG B 38 -22.65 -13.73 1.16
CA ARG B 38 -21.58 -13.68 0.16
C ARG B 38 -21.24 -15.06 -0.39
N LEU B 39 -20.73 -15.93 0.49
CA LEU B 39 -20.35 -17.28 0.14
C LEU B 39 -21.46 -18.05 -0.57
N LYS B 40 -22.67 -18.01 -0.02
CA LYS B 40 -23.78 -18.73 -0.63
C LYS B 40 -23.98 -18.27 -2.07
N GLY B 41 -23.66 -17.00 -2.33
CA GLY B 41 -23.80 -16.47 -3.67
C GLY B 41 -22.68 -16.97 -4.57
N ILE B 42 -21.52 -17.20 -3.96
CA ILE B 42 -20.36 -17.70 -4.69
C ILE B 42 -20.61 -19.09 -5.25
N ASN B 43 -21.03 -20.03 -4.39
CA ASN B 43 -21.28 -21.39 -4.86
C ASN B 43 -22.67 -21.94 -4.57
N GLU B 44 -23.15 -21.77 -3.34
CA GLU B 44 -24.47 -22.25 -2.98
C GLU B 44 -24.49 -23.79 -2.86
N ASP B 45 -23.54 -24.46 -3.49
CA ASP B 45 -23.43 -25.91 -3.41
C ASP B 45 -22.44 -26.18 -2.29
N LEU B 46 -21.79 -25.11 -1.85
CA LEU B 46 -20.81 -25.15 -0.77
C LEU B 46 -21.59 -25.04 0.52
N SER B 47 -21.39 -26.03 1.39
CA SER B 47 -22.06 -26.04 2.68
C SER B 47 -21.29 -25.14 3.63
N LEU B 48 -22.00 -24.51 4.56
CA LEU B 48 -21.37 -23.63 5.53
C LEU B 48 -20.53 -24.49 6.44
N GLU B 49 -20.95 -25.74 6.59
CA GLU B 49 -20.25 -26.69 7.44
C GLU B 49 -18.85 -26.93 6.86
N GLU B 50 -18.78 -27.14 5.55
CA GLU B 50 -17.51 -27.39 4.85
C GLU B 50 -16.63 -26.15 4.94
N VAL B 51 -17.27 -24.99 4.86
CA VAL B 51 -16.54 -23.74 4.94
C VAL B 51 -15.90 -23.61 6.31
N ALA B 52 -16.72 -23.84 7.34
CA ALA B 52 -16.26 -23.75 8.72
C ALA B 52 -15.22 -24.78 9.07
N GLU B 53 -15.43 -25.99 8.58
CA GLU B 53 -14.54 -27.11 8.84
C GLU B 53 -13.26 -27.13 8.00
N ILE B 54 -13.33 -26.62 6.78
CA ILE B 54 -12.17 -26.65 5.90
C ILE B 54 -11.52 -25.32 5.53
N TYR B 55 -12.25 -24.50 4.79
CA TYR B 55 -11.71 -23.23 4.34
C TYR B 55 -11.45 -22.19 5.43
N LEU B 56 -12.22 -22.20 6.51
CA LEU B 56 -11.97 -21.23 7.57
C LEU B 56 -10.57 -21.46 8.14
N PRO B 57 -10.28 -22.67 8.61
CA PRO B 57 -8.93 -22.93 9.15
C PRO B 57 -7.85 -22.85 8.05
N LEU B 58 -8.24 -23.04 6.80
CA LEU B 58 -7.28 -22.95 5.70
C LEU B 58 -6.81 -21.49 5.66
N SER B 59 -7.78 -20.58 5.64
CA SER B 59 -7.51 -19.15 5.59
C SER B 59 -6.73 -18.74 6.84
N ARG B 60 -7.04 -19.37 7.97
CA ARG B 60 -6.35 -19.08 9.21
C ARG B 60 -4.88 -19.42 8.99
N LEU B 61 -4.64 -20.55 8.33
CA LEU B 61 -3.29 -21.01 8.03
C LEU B 61 -2.51 -20.00 7.15
N LEU B 62 -3.09 -19.68 6.00
CA LEU B 62 -2.47 -18.74 5.07
C LEU B 62 -2.10 -17.44 5.78
N ASN B 63 -2.97 -16.96 6.65
CA ASN B 63 -2.72 -15.74 7.37
C ASN B 63 -1.41 -15.81 8.17
N PHE B 64 -1.15 -16.94 8.81
CA PHE B 64 0.07 -17.12 9.59
C PHE B 64 1.28 -16.95 8.68
N TYR B 65 1.15 -17.46 7.47
CA TYR B 65 2.21 -17.39 6.47
C TYR B 65 2.38 -15.96 5.95
N ILE B 66 1.26 -15.31 5.64
CA ILE B 66 1.28 -13.96 5.13
C ILE B 66 1.79 -12.98 6.18
N SER B 67 1.21 -13.03 7.39
CA SER B 67 1.65 -12.12 8.44
C SER B 67 3.10 -12.33 8.80
N SER B 68 3.52 -13.60 8.85
CA SER B 68 4.90 -13.91 9.16
C SER B 68 5.76 -13.13 8.16
N ASN B 69 5.29 -13.07 6.92
CA ASN B 69 6.00 -12.38 5.85
C ASN B 69 6.08 -10.89 6.04
N LEU B 70 4.96 -10.29 6.43
CA LEU B 70 4.93 -8.86 6.63
C LEU B 70 5.91 -8.46 7.72
N ARG B 71 5.98 -9.26 8.78
CA ARG B 71 6.92 -8.97 9.85
C ARG B 71 8.33 -8.98 9.24
N ARG B 72 8.55 -9.90 8.32
CA ARG B 72 9.83 -10.02 7.64
C ARG B 72 10.13 -8.73 6.92
N GLN B 73 9.17 -8.30 6.10
CA GLN B 73 9.28 -7.04 5.34
C GLN B 73 9.78 -5.91 6.23
N ALA B 74 9.07 -5.67 7.32
CA ALA B 74 9.44 -4.63 8.27
C ALA B 74 10.92 -4.74 8.63
N VAL B 75 11.29 -5.90 9.18
CA VAL B 75 12.66 -6.15 9.60
C VAL B 75 13.67 -5.76 8.52
N LEU B 76 13.48 -6.27 7.31
CA LEU B 76 14.40 -5.98 6.22
C LEU B 76 14.29 -4.53 5.78
N GLU B 77 13.05 -4.05 5.63
CA GLU B 77 12.81 -2.67 5.22
C GLU B 77 13.72 -1.78 6.04
N GLN B 78 13.83 -2.09 7.31
CA GLN B 78 14.68 -1.34 8.22
C GLN B 78 16.13 -1.53 7.81
N PHE B 79 16.65 -2.73 8.09
CA PHE B 79 18.04 -3.06 7.78
C PHE B 79 18.55 -2.48 6.47
N LEU B 80 17.73 -2.47 5.43
CA LEU B 80 18.20 -1.93 4.16
C LEU B 80 17.65 -0.56 3.80
N GLY B 81 16.73 -0.05 4.62
CA GLY B 81 16.14 1.25 4.37
C GLY B 81 15.59 1.41 2.98
N THR B 82 14.80 0.43 2.55
CA THR B 82 14.22 0.41 1.22
C THR B 82 12.99 1.30 1.13
N ASN B 83 12.04 1.07 2.05
CA ASN B 83 10.81 1.85 2.09
C ASN B 83 9.80 1.44 1.01
N GLY B 84 8.76 2.27 0.86
CA GLY B 84 7.70 2.06 -0.12
C GLY B 84 7.43 0.70 -0.69
N GLN B 85 7.15 0.68 -1.99
CA GLN B 85 6.84 -0.52 -2.79
C GLN B 85 5.84 -1.49 -2.18
N ARG B 86 4.68 -1.59 -2.82
CA ARG B 86 3.63 -2.49 -2.36
C ARG B 86 3.66 -3.84 -3.08
N ILE B 87 4.56 -4.73 -2.69
CA ILE B 87 4.63 -6.03 -3.34
C ILE B 87 3.55 -6.94 -2.77
N PRO B 88 2.61 -7.39 -3.63
CA PRO B 88 1.53 -8.27 -3.18
C PRO B 88 1.97 -9.70 -2.90
N TYR B 89 1.22 -10.36 -2.01
CA TYR B 89 1.48 -11.75 -1.66
C TYR B 89 0.65 -12.57 -2.64
N ILE B 90 1.30 -13.35 -3.49
CA ILE B 90 0.55 -14.12 -4.46
C ILE B 90 0.35 -15.59 -4.10
N ILE B 91 -0.92 -16.01 -4.15
CA ILE B 91 -1.32 -17.38 -3.88
C ILE B 91 -1.86 -17.90 -5.21
N SER B 92 -1.39 -19.07 -5.63
CA SER B 92 -1.84 -19.68 -6.87
C SER B 92 -2.62 -20.94 -6.53
N ILE B 93 -3.64 -21.23 -7.34
CA ILE B 93 -4.46 -22.42 -7.13
C ILE B 93 -4.54 -23.20 -8.45
N ALA B 94 -4.09 -24.46 -8.42
CA ALA B 94 -4.08 -25.32 -9.60
C ALA B 94 -5.00 -26.52 -9.46
N GLY B 95 -5.09 -27.31 -10.52
CA GLY B 95 -5.94 -28.48 -10.53
C GLY B 95 -6.51 -28.72 -11.92
N SER B 96 -7.24 -29.82 -12.07
CA SER B 96 -7.83 -30.16 -13.36
C SER B 96 -9.13 -29.38 -13.59
N VAL B 97 -9.79 -29.68 -14.71
CA VAL B 97 -11.04 -29.02 -15.06
C VAL B 97 -12.18 -29.34 -14.09
N ALA B 98 -13.00 -28.32 -13.81
CA ALA B 98 -14.17 -28.42 -12.93
C ALA B 98 -13.89 -29.00 -11.53
N VAL B 99 -12.64 -28.88 -11.10
CA VAL B 99 -12.22 -29.39 -9.81
C VAL B 99 -12.58 -28.43 -8.65
N GLY B 100 -12.90 -27.19 -8.98
CA GLY B 100 -13.26 -26.22 -7.94
C GLY B 100 -12.23 -25.12 -7.70
N LYS B 101 -11.37 -24.87 -8.70
CA LYS B 101 -10.33 -23.86 -8.59
C LYS B 101 -10.97 -22.50 -8.34
N SER B 102 -11.92 -22.14 -9.20
CA SER B 102 -12.62 -20.87 -9.07
C SER B 102 -13.22 -20.75 -7.69
N THR B 103 -14.07 -21.70 -7.33
CA THR B 103 -14.75 -21.68 -6.04
C THR B 103 -13.74 -21.46 -4.91
N THR B 104 -12.75 -22.32 -4.84
CA THR B 104 -11.71 -22.20 -3.81
C THR B 104 -11.14 -20.77 -3.78
N ALA B 105 -10.71 -20.28 -4.95
CA ALA B 105 -10.13 -18.95 -5.05
C ALA B 105 -11.11 -17.88 -4.54
N ARG B 106 -12.32 -17.87 -5.08
CA ARG B 106 -13.32 -16.90 -4.67
C ARG B 106 -13.57 -16.96 -3.17
N VAL B 107 -13.63 -18.17 -2.62
CA VAL B 107 -13.87 -18.37 -1.18
C VAL B 107 -12.76 -17.77 -0.33
N LEU B 108 -11.54 -18.13 -0.64
CA LEU B 108 -10.40 -17.62 0.10
C LEU B 108 -10.35 -16.11 -0.01
N GLN B 109 -10.67 -15.59 -1.19
CA GLN B 109 -10.66 -14.15 -1.38
C GLN B 109 -11.59 -13.53 -0.34
N ALA B 110 -12.72 -14.18 -0.11
CA ALA B 110 -13.70 -13.69 0.86
C ALA B 110 -13.12 -13.68 2.27
N LEU B 111 -12.77 -14.87 2.76
CA LEU B 111 -12.22 -15.03 4.10
C LEU B 111 -10.92 -14.26 4.37
N LEU B 112 -9.99 -14.30 3.43
CA LEU B 112 -8.73 -13.62 3.64
C LEU B 112 -8.82 -12.11 3.87
N SER B 113 -9.81 -11.47 3.26
CA SER B 113 -9.97 -10.03 3.42
C SER B 113 -10.42 -9.59 4.82
N ARG B 114 -10.95 -10.52 5.62
CA ARG B 114 -11.39 -10.13 6.94
C ARG B 114 -10.27 -9.93 7.95
N TRP B 115 -9.03 -9.88 7.49
CA TRP B 115 -7.91 -9.63 8.40
C TRP B 115 -7.46 -8.20 8.17
N PRO B 116 -7.27 -7.43 9.25
CA PRO B 116 -6.84 -6.03 9.12
C PRO B 116 -5.48 -5.86 8.48
N GLU B 117 -4.63 -6.87 8.62
CA GLU B 117 -3.29 -6.76 8.09
C GLU B 117 -3.39 -6.75 6.58
N HIS B 118 -4.24 -7.62 6.06
CA HIS B 118 -4.38 -7.64 4.60
C HIS B 118 -5.42 -6.66 4.15
N ARG B 119 -6.59 -7.33 4.18
CA ARG B 119 -7.96 -6.97 3.88
C ARG B 119 -8.33 -6.86 2.41
N ARG B 120 -7.32 -6.72 1.54
CA ARG B 120 -7.52 -6.39 0.12
C ARG B 120 -6.89 -7.47 -0.72
N VAL B 121 -7.75 -8.20 -1.41
CA VAL B 121 -7.24 -9.33 -2.11
C VAL B 121 -7.91 -9.43 -3.42
N GLU B 122 -7.05 -9.36 -4.41
CA GLU B 122 -7.47 -9.45 -5.77
C GLU B 122 -7.51 -10.90 -6.19
N LEU B 123 -8.21 -11.17 -7.28
CA LEU B 123 -8.32 -12.51 -7.81
C LEU B 123 -8.28 -12.43 -9.33
N ILE B 124 -7.28 -13.10 -9.90
CA ILE B 124 -7.10 -13.14 -11.35
C ILE B 124 -7.16 -14.61 -11.79
N THR B 125 -8.00 -14.90 -12.78
CA THR B 125 -8.08 -16.27 -13.22
C THR B 125 -7.31 -16.44 -14.55
N THR B 126 -6.52 -17.48 -14.60
CA THR B 126 -5.66 -17.84 -15.72
C THR B 126 -6.28 -17.88 -17.12
N ASP B 127 -7.58 -18.13 -17.20
CA ASP B 127 -8.26 -18.21 -18.48
C ASP B 127 -8.09 -17.06 -19.44
N GLY B 128 -8.09 -15.83 -18.91
CA GLY B 128 -7.94 -14.66 -19.76
C GLY B 128 -6.62 -14.66 -20.50
N PHE B 129 -5.68 -15.48 -20.05
CA PHE B 129 -4.38 -15.54 -20.70
C PHE B 129 -4.29 -16.56 -21.85
N LEU B 130 -5.45 -17.12 -22.22
CA LEU B 130 -5.53 -18.06 -23.34
C LEU B 130 -5.45 -17.24 -24.63
N HIS B 131 -4.99 -17.83 -25.72
CA HIS B 131 -4.96 -17.08 -26.98
C HIS B 131 -6.42 -16.89 -27.41
N PRO B 132 -6.73 -15.76 -28.05
CA PRO B 132 -8.13 -15.56 -28.48
C PRO B 132 -8.54 -16.65 -29.45
N ASN B 133 -9.83 -16.99 -29.46
CA ASN B 133 -10.34 -18.03 -30.34
C ASN B 133 -9.78 -17.86 -31.75
N GLN B 134 -9.73 -16.61 -32.20
CA GLN B 134 -9.23 -16.34 -33.53
C GLN B 134 -7.86 -16.97 -33.74
N VAL B 135 -6.95 -16.77 -32.80
CA VAL B 135 -5.60 -17.32 -32.90
C VAL B 135 -5.63 -18.84 -32.76
N LEU B 136 -6.37 -19.33 -31.78
CA LEU B 136 -6.45 -20.77 -31.57
C LEU B 136 -6.93 -21.45 -32.84
N LYS B 137 -7.93 -20.86 -33.50
CA LYS B 137 -8.47 -21.42 -34.74
C LYS B 137 -7.36 -21.54 -35.77
N GLU B 138 -6.54 -20.49 -35.88
CA GLU B 138 -5.42 -20.47 -36.81
C GLU B 138 -4.48 -21.63 -36.57
N ARG B 139 -4.29 -21.98 -35.31
CA ARG B 139 -3.39 -23.07 -34.97
C ARG B 139 -4.16 -24.38 -34.72
N GLY B 140 -5.45 -24.37 -35.04
CA GLY B 140 -6.26 -25.56 -34.86
C GLY B 140 -6.20 -26.11 -33.45
N LEU B 141 -6.38 -25.24 -32.48
CA LEU B 141 -6.28 -25.68 -31.11
C LEU B 141 -7.54 -25.39 -30.36
N LYS B 143 -10.03 -27.11 -29.54
CA LYS B 143 -10.65 -28.26 -28.94
C LYS B 143 -9.60 -28.58 -27.90
N LYS B 144 -8.48 -27.86 -27.96
CA LYS B 144 -7.35 -28.04 -27.04
C LYS B 144 -7.13 -26.85 -26.06
N LYS B 145 -8.19 -26.09 -25.80
CA LYS B 145 -8.10 -24.94 -24.89
C LYS B 145 -7.73 -25.50 -23.51
N GLY B 146 -6.61 -25.05 -22.96
CA GLY B 146 -6.18 -25.54 -21.66
C GLY B 146 -4.85 -26.25 -21.75
N PHE B 147 -4.38 -26.43 -22.98
CA PHE B 147 -3.10 -27.09 -23.23
C PHE B 147 -2.03 -26.02 -23.30
N PRO B 148 -0.79 -26.35 -22.88
CA PRO B 148 0.30 -25.38 -22.90
C PRO B 148 0.34 -24.44 -24.11
N GLU B 149 -0.05 -24.92 -25.28
CA GLU B 149 -0.01 -24.06 -26.46
C GLU B 149 -1.22 -23.18 -26.68
N SER B 150 -2.24 -23.35 -25.86
CA SER B 150 -3.43 -22.51 -26.01
C SER B 150 -3.23 -21.31 -25.09
N TYR B 151 -2.09 -21.30 -24.40
CA TYR B 151 -1.76 -20.25 -23.46
C TYR B 151 -0.67 -19.33 -23.97
N ASP B 152 -0.83 -18.05 -23.67
CA ASP B 152 0.15 -17.07 -24.03
C ASP B 152 0.85 -16.91 -22.71
N HIS B 154 3.86 -16.19 -21.91
CA HIS B 154 4.99 -15.32 -21.77
C HIS B 154 4.33 -14.09 -21.14
N ARG B 155 3.07 -13.85 -21.52
CA ARG B 155 2.28 -12.74 -21.02
C ARG B 155 1.91 -12.91 -19.55
N LEU B 156 1.49 -14.12 -19.20
CA LEU B 156 1.11 -14.42 -17.83
C LEU B 156 2.31 -14.36 -16.89
N VAL B 157 3.44 -14.91 -17.33
CA VAL B 157 4.66 -14.89 -16.52
C VAL B 157 5.07 -13.45 -16.29
N LYS B 158 4.89 -12.63 -17.31
CA LYS B 158 5.23 -11.22 -17.24
C LYS B 158 4.31 -10.53 -16.27
N PHE B 159 3.04 -10.95 -16.25
CA PHE B 159 2.03 -10.37 -15.36
C PHE B 159 2.44 -10.45 -13.88
N VAL B 160 2.74 -11.66 -13.40
CA VAL B 160 3.14 -11.84 -12.01
C VAL B 160 4.52 -11.23 -11.79
N SER B 161 5.36 -11.26 -12.83
CA SER B 161 6.69 -10.71 -12.72
C SER B 161 6.56 -9.22 -12.46
N ASP B 162 5.67 -8.57 -13.23
CA ASP B 162 5.42 -7.16 -13.08
C ASP B 162 4.94 -6.89 -11.64
N LEU B 163 3.91 -7.60 -11.23
CA LEU B 163 3.36 -7.46 -9.89
C LEU B 163 4.45 -7.50 -8.82
N LYS B 164 5.30 -8.52 -8.90
CA LYS B 164 6.39 -8.68 -7.92
C LYS B 164 7.56 -7.74 -8.22
N SER B 165 7.39 -6.90 -9.22
CA SER B 165 8.41 -5.94 -9.61
C SER B 165 8.11 -4.62 -8.95
N GLY B 166 6.89 -4.47 -8.46
CA GLY B 166 6.52 -3.24 -7.80
C GLY B 166 5.74 -2.34 -8.72
N VAL B 167 5.52 -2.78 -9.95
CA VAL B 167 4.76 -1.97 -10.91
C VAL B 167 3.42 -1.70 -10.23
N PRO B 168 3.03 -0.42 -10.15
CA PRO B 168 1.80 0.09 -9.54
C PRO B 168 0.53 -0.56 -10.04
N ASN B 169 0.15 -0.14 -11.23
CA ASN B 169 -1.06 -0.66 -11.86
C ASN B 169 -0.66 -1.59 -12.97
N VAL B 170 -1.05 -2.85 -12.86
CA VAL B 170 -0.73 -3.84 -13.86
C VAL B 170 -2.05 -4.40 -14.36
N THR B 171 -2.23 -4.45 -15.69
CA THR B 171 -3.47 -4.99 -16.25
C THR B 171 -3.37 -6.47 -16.64
N ALA B 172 -4.51 -7.13 -16.70
CA ALA B 172 -4.57 -8.53 -17.05
C ALA B 172 -5.75 -8.76 -18.00
N PRO B 173 -5.58 -9.65 -19.00
CA PRO B 173 -6.67 -9.91 -19.93
C PRO B 173 -7.74 -10.71 -19.20
N VAL B 174 -8.99 -10.60 -19.64
CA VAL B 174 -10.08 -11.34 -19.00
C VAL B 174 -10.82 -12.23 -19.96
N TYR B 175 -11.16 -13.43 -19.50
CA TYR B 175 -11.88 -14.39 -20.31
C TYR B 175 -13.36 -14.34 -19.96
N SER B 176 -14.21 -14.48 -20.96
CA SER B 176 -15.66 -14.42 -20.74
C SER B 176 -16.27 -15.81 -20.79
N HIS B 177 -17.10 -16.15 -19.79
CA HIS B 177 -17.75 -17.45 -19.77
C HIS B 177 -19.10 -17.34 -20.51
N LEU B 178 -19.29 -16.25 -21.23
CA LEU B 178 -20.54 -16.04 -21.98
C LEU B 178 -20.23 -16.31 -23.45
N ILE B 179 -19.15 -15.70 -23.90
CA ILE B 179 -18.68 -15.79 -25.27
C ILE B 179 -17.61 -16.87 -25.38
N TYR B 180 -17.07 -17.26 -24.23
CA TYR B 180 -16.02 -18.26 -24.16
C TYR B 180 -14.88 -17.84 -25.07
N ASP B 181 -14.36 -16.65 -24.81
CA ASP B 181 -13.24 -16.05 -25.53
C ASP B 181 -12.72 -14.92 -24.65
N VAL B 182 -11.47 -14.51 -24.89
CA VAL B 182 -10.90 -13.42 -24.10
C VAL B 182 -11.56 -12.14 -24.59
N ILE B 183 -12.16 -11.38 -23.67
CA ILE B 183 -12.86 -10.15 -24.02
C ILE B 183 -11.95 -9.08 -24.60
N PRO B 184 -12.16 -8.75 -25.89
CA PRO B 184 -11.43 -7.76 -26.68
C PRO B 184 -10.81 -6.65 -25.86
N ASP B 185 -11.66 -5.79 -25.31
CA ASP B 185 -11.14 -4.69 -24.51
C ASP B 185 -11.66 -4.79 -23.09
N GLY B 186 -11.56 -5.98 -22.52
CA GLY B 186 -12.04 -6.20 -21.17
C GLY B 186 -10.98 -6.44 -20.12
N ASP B 187 -9.74 -6.06 -20.43
CA ASP B 187 -8.64 -6.23 -19.48
C ASP B 187 -8.92 -5.56 -18.12
N LYS B 188 -8.50 -6.22 -17.05
CA LYS B 188 -8.69 -5.73 -15.69
C LYS B 188 -7.43 -5.11 -15.11
N THR B 189 -7.57 -4.01 -14.38
CA THR B 189 -6.41 -3.37 -13.78
C THR B 189 -6.26 -3.79 -12.32
N VAL B 190 -5.08 -4.27 -11.96
CA VAL B 190 -4.83 -4.69 -10.58
C VAL B 190 -4.13 -3.53 -9.88
N VAL B 191 -4.90 -2.84 -9.04
CA VAL B 191 -4.43 -1.68 -8.29
C VAL B 191 -3.85 -2.01 -6.91
N GLN B 192 -2.55 -2.28 -6.88
CA GLN B 192 -1.83 -2.62 -5.65
C GLN B 192 -2.63 -3.30 -4.53
N PRO B 193 -2.97 -4.59 -4.68
CA PRO B 193 -3.71 -5.23 -3.61
C PRO B 193 -2.70 -5.84 -2.65
N ASP B 194 -3.17 -6.31 -1.50
CA ASP B 194 -2.30 -6.93 -0.50
C ASP B 194 -1.98 -8.36 -0.87
N ILE B 195 -3.03 -9.07 -1.30
CA ILE B 195 -2.92 -10.45 -1.70
C ILE B 195 -3.56 -10.63 -3.06
N LEU B 196 -2.87 -11.32 -3.96
CA LEU B 196 -3.49 -11.61 -5.26
C LEU B 196 -3.57 -13.11 -5.39
N ILE B 197 -4.76 -13.60 -5.73
CA ILE B 197 -4.95 -15.03 -5.90
C ILE B 197 -5.04 -15.31 -7.39
N LEU B 198 -4.18 -16.21 -7.87
CA LEU B 198 -4.10 -16.60 -9.26
C LEU B 198 -4.65 -18.00 -9.45
N GLU B 199 -5.88 -18.11 -9.93
CA GLU B 199 -6.53 -19.41 -10.16
C GLU B 199 -6.47 -19.88 -11.62
N GLY B 200 -5.98 -21.10 -11.82
CA GLY B 200 -5.89 -21.62 -13.18
C GLY B 200 -5.35 -23.03 -13.23
N LEU B 201 -5.39 -23.64 -14.41
CA LEU B 201 -4.90 -25.00 -14.58
C LEU B 201 -3.38 -25.10 -14.61
N ASN B 202 -2.74 -24.09 -15.19
CA ASN B 202 -1.29 -24.09 -15.39
C ASN B 202 -0.40 -23.36 -14.40
N VAL B 203 -0.96 -22.85 -13.31
CA VAL B 203 -0.15 -22.09 -12.35
C VAL B 203 1.12 -22.74 -11.79
N LEU B 204 1.27 -24.05 -11.96
CA LEU B 204 2.45 -24.74 -11.45
C LEU B 204 3.39 -25.31 -12.51
N GLN B 205 3.12 -25.00 -13.77
CA GLN B 205 3.94 -25.49 -14.87
C GLN B 205 5.24 -24.70 -15.03
N SER B 206 6.18 -25.28 -15.77
CA SER B 206 7.46 -24.65 -16.03
C SER B 206 7.69 -24.65 -17.52
N GLY B 207 8.85 -24.14 -17.94
CA GLY B 207 9.18 -24.08 -19.35
C GLY B 207 9.20 -25.47 -19.93
N ASP B 209 7.14 -27.56 -19.87
CA ASP B 209 5.85 -27.88 -20.48
C ASP B 209 5.55 -27.02 -21.69
N TYR B 210 6.49 -26.16 -22.08
CA TYR B 210 6.32 -25.29 -23.23
C TYR B 210 7.54 -25.36 -24.14
N PRO B 211 7.87 -26.56 -24.62
CA PRO B 211 9.02 -26.73 -25.51
C PRO B 211 8.88 -26.00 -26.83
N HIS B 212 7.63 -25.79 -27.27
CA HIS B 212 7.37 -25.11 -28.52
C HIS B 212 7.80 -23.63 -28.46
N ASP B 213 7.81 -23.08 -27.25
CA ASP B 213 8.21 -21.71 -27.00
C ASP B 213 8.51 -21.65 -25.50
N PRO B 214 9.69 -22.12 -25.12
CA PRO B 214 10.09 -22.12 -23.71
C PRO B 214 10.17 -20.77 -23.05
N HIS B 215 10.22 -20.79 -21.72
CA HIS B 215 10.37 -19.60 -20.89
C HIS B 215 11.24 -20.12 -19.75
N HIS B 216 12.16 -19.30 -19.25
CA HIS B 216 13.09 -19.77 -18.21
C HIS B 216 12.94 -19.31 -16.77
N VAL B 217 11.85 -18.60 -16.50
CA VAL B 217 11.51 -18.12 -15.17
C VAL B 217 10.01 -18.39 -15.10
N PHE B 218 9.60 -19.18 -14.11
CA PHE B 218 8.22 -19.58 -14.03
C PHE B 218 7.28 -18.83 -13.12
N VAL B 219 5.99 -19.03 -13.35
CA VAL B 219 4.97 -18.40 -12.54
C VAL B 219 5.25 -18.72 -11.09
N SER B 220 5.68 -19.96 -10.82
CA SER B 220 5.96 -20.38 -9.46
C SER B 220 7.06 -19.49 -8.86
N ASP B 221 7.97 -19.00 -9.69
CA ASP B 221 9.03 -18.16 -9.17
C ASP B 221 8.52 -16.80 -8.69
N PHE B 222 7.23 -16.53 -8.90
CA PHE B 222 6.64 -15.26 -8.48
C PHE B 222 5.40 -15.50 -7.63
N VAL B 223 5.21 -16.74 -7.18
CA VAL B 223 4.08 -17.07 -6.33
C VAL B 223 4.61 -17.44 -4.94
N ASP B 224 4.00 -16.87 -3.90
CA ASP B 224 4.43 -17.11 -2.52
C ASP B 224 3.89 -18.43 -1.96
N PHE B 225 2.65 -18.76 -2.30
CA PHE B 225 2.03 -19.97 -1.80
C PHE B 225 1.14 -20.60 -2.86
N SER B 226 1.38 -21.87 -3.18
CA SER B 226 0.61 -22.56 -4.20
C SER B 226 -0.22 -23.68 -3.63
N ILE B 227 -1.49 -23.74 -4.05
CA ILE B 227 -2.40 -24.78 -3.61
C ILE B 227 -2.87 -25.63 -4.80
N TYR B 228 -2.78 -26.95 -4.68
CA TYR B 228 -3.22 -27.83 -5.76
C TYR B 228 -4.48 -28.58 -5.33
N VAL B 229 -5.55 -28.50 -6.11
CA VAL B 229 -6.77 -29.21 -5.75
C VAL B 229 -6.79 -30.57 -6.44
N ASP B 230 -6.69 -31.63 -5.63
CA ASP B 230 -6.64 -32.99 -6.15
C ASP B 230 -7.92 -33.81 -5.99
N ALA B 231 -8.06 -34.84 -6.83
CA ALA B 231 -9.20 -35.75 -6.82
C ALA B 231 -8.85 -36.95 -7.71
N PRO B 232 -9.41 -38.13 -7.41
CA PRO B 232 -9.11 -39.31 -8.24
C PRO B 232 -9.62 -39.15 -9.67
N GLU B 233 -8.90 -39.77 -10.61
CA GLU B 233 -9.23 -39.71 -12.03
C GLU B 233 -10.70 -39.88 -12.37
N ASP B 234 -11.28 -40.99 -11.92
CA ASP B 234 -12.69 -41.28 -12.18
C ASP B 234 -13.61 -40.12 -11.82
N LEU B 235 -13.27 -39.41 -10.73
CA LEU B 235 -14.05 -38.27 -10.28
C LEU B 235 -13.85 -37.10 -11.26
N LEU B 236 -12.59 -36.80 -11.58
CA LEU B 236 -12.29 -35.70 -12.49
C LEU B 236 -13.08 -35.85 -13.79
N GLN B 237 -13.19 -37.09 -14.27
CA GLN B 237 -13.93 -37.37 -15.50
C GLN B 237 -15.39 -36.98 -15.34
N THR B 238 -16.00 -37.48 -14.27
CA THR B 238 -17.38 -37.17 -13.98
C THR B 238 -17.57 -35.65 -13.99
N TRP B 239 -16.83 -34.96 -13.13
CA TRP B 239 -16.91 -33.52 -13.03
C TRP B 239 -16.75 -32.83 -14.35
N TYR B 240 -15.78 -33.26 -15.14
CA TYR B 240 -15.56 -32.69 -16.47
C TYR B 240 -16.84 -32.90 -17.28
N ILE B 241 -17.29 -34.14 -17.38
CA ILE B 241 -18.50 -34.44 -18.15
C ILE B 241 -19.67 -33.57 -17.69
N ASN B 242 -19.87 -33.45 -16.39
CA ASN B 242 -20.96 -32.64 -15.85
C ASN B 242 -20.85 -31.19 -16.34
N ARG B 243 -19.63 -30.67 -16.37
CA ARG B 243 -19.42 -29.30 -16.81
C ARG B 243 -19.90 -29.18 -18.24
N PHE B 244 -19.37 -30.02 -19.11
CA PHE B 244 -19.77 -30.01 -20.52
C PHE B 244 -21.28 -30.07 -20.67
N LEU B 245 -21.91 -31.07 -20.06
CA LEU B 245 -23.36 -31.22 -20.14
C LEU B 245 -24.03 -29.87 -19.82
N LYS B 246 -23.57 -29.23 -18.76
CA LYS B 246 -24.12 -27.96 -18.35
C LYS B 246 -23.89 -26.79 -19.29
N PHE B 247 -22.65 -26.62 -19.75
CA PHE B 247 -22.31 -25.47 -20.59
C PHE B 247 -22.09 -25.66 -22.09
N ARG B 248 -21.61 -26.83 -22.51
CA ARG B 248 -21.36 -27.09 -23.92
C ARG B 248 -20.53 -25.99 -24.55
N GLU B 249 -19.42 -25.65 -23.90
CA GLU B 249 -18.52 -24.60 -24.38
C GLU B 249 -19.21 -23.34 -24.85
N GLY B 250 -20.25 -22.92 -24.12
CA GLY B 250 -20.98 -21.71 -24.46
C GLY B 250 -21.89 -21.77 -25.67
N ALA B 251 -22.23 -22.97 -26.11
CA ALA B 251 -23.10 -23.12 -27.26
C ALA B 251 -24.50 -22.58 -26.94
N PHE B 252 -24.79 -22.44 -25.65
CA PHE B 252 -26.12 -21.97 -25.24
C PHE B 252 -26.22 -20.46 -25.02
N THR B 253 -25.09 -19.77 -25.02
CA THR B 253 -25.09 -18.33 -24.79
C THR B 253 -24.57 -17.48 -25.94
N ASP B 254 -23.78 -18.08 -26.82
CA ASP B 254 -23.26 -17.35 -27.98
C ASP B 254 -23.85 -18.00 -29.22
N PRO B 255 -24.91 -17.40 -29.78
CA PRO B 255 -25.58 -17.90 -30.98
C PRO B 255 -24.62 -18.30 -32.09
N ASP B 256 -23.44 -17.67 -32.11
CA ASP B 256 -22.44 -17.97 -33.12
C ASP B 256 -21.25 -18.72 -32.54
N SER B 257 -21.48 -19.39 -31.41
CA SER B 257 -20.44 -20.15 -30.76
C SER B 257 -19.80 -21.11 -31.77
N TYR B 258 -18.51 -21.30 -31.62
CA TYR B 258 -17.77 -22.20 -32.49
C TYR B 258 -18.27 -23.63 -32.30
N PHE B 259 -18.82 -23.90 -31.12
CA PHE B 259 -19.33 -25.23 -30.79
C PHE B 259 -20.85 -25.21 -30.69
N HIS B 260 -21.46 -24.39 -31.53
CA HIS B 260 -22.89 -24.27 -31.56
C HIS B 260 -23.59 -25.62 -31.70
N ASN B 261 -23.03 -26.50 -32.53
CA ASN B 261 -23.61 -27.80 -32.78
C ASN B 261 -23.78 -28.69 -31.56
N TYR B 262 -23.03 -28.39 -30.50
CA TYR B 262 -23.14 -29.18 -29.29
C TYR B 262 -24.53 -28.95 -28.71
N ALA B 263 -25.19 -27.89 -29.15
CA ALA B 263 -26.53 -27.59 -28.66
C ALA B 263 -27.51 -28.72 -28.96
N LYS B 264 -27.55 -29.17 -30.22
CA LYS B 264 -28.46 -30.23 -30.65
C LYS B 264 -28.30 -31.58 -29.94
N LEU B 265 -27.12 -31.82 -29.40
CA LEU B 265 -26.87 -33.08 -28.71
C LEU B 265 -27.89 -33.32 -27.60
N THR B 266 -28.31 -34.57 -27.49
CA THR B 266 -29.24 -34.97 -26.44
C THR B 266 -28.30 -35.39 -25.31
N LYS B 267 -28.80 -35.38 -24.09
CA LYS B 267 -27.97 -35.75 -22.95
C LYS B 267 -27.05 -36.96 -23.21
N GLU B 268 -27.64 -38.08 -23.61
CA GLU B 268 -26.87 -39.30 -23.87
C GLU B 268 -25.80 -39.04 -24.91
N GLU B 269 -26.09 -38.13 -25.85
CA GLU B 269 -25.15 -37.75 -26.90
C GLU B 269 -24.07 -36.84 -26.30
N ALA B 270 -24.50 -35.90 -25.47
CA ALA B 270 -23.60 -34.97 -24.80
C ALA B 270 -22.55 -35.72 -23.96
N ILE B 271 -23.02 -36.61 -23.09
CA ILE B 271 -22.14 -37.41 -22.24
C ILE B 271 -21.16 -38.25 -23.10
N LYS B 272 -21.69 -38.90 -24.13
CA LYS B 272 -20.87 -39.71 -25.03
C LYS B 272 -19.76 -38.81 -25.55
N THR B 273 -20.15 -37.62 -25.98
CA THR B 273 -19.23 -36.62 -26.50
C THR B 273 -18.16 -36.21 -25.49
N ALA B 274 -18.61 -35.75 -24.32
CA ALA B 274 -17.72 -35.33 -23.26
C ALA B 274 -16.70 -36.40 -22.92
N THR B 276 -15.61 -38.68 -24.75
CA THR B 276 -14.64 -38.83 -25.83
C THR B 276 -13.58 -37.75 -25.76
N LEU B 277 -14.04 -36.52 -25.52
CA LEU B 277 -13.16 -35.35 -25.42
C LEU B 277 -12.20 -35.56 -24.27
N TRP B 278 -12.73 -36.05 -23.16
CA TRP B 278 -11.92 -36.30 -22.00
C TRP B 278 -10.92 -37.40 -22.35
N LYS B 279 -11.42 -38.60 -22.61
CA LYS B 279 -10.59 -39.75 -22.95
C LYS B 279 -9.53 -39.51 -24.03
N GLU B 280 -9.83 -38.65 -25.00
CA GLU B 280 -8.88 -38.38 -26.08
C GLU B 280 -8.06 -37.11 -25.97
N ILE B 281 -8.58 -36.12 -25.24
CA ILE B 281 -7.89 -34.84 -25.12
C ILE B 281 -7.53 -34.43 -23.70
N ASN B 282 -8.53 -33.99 -22.95
CA ASN B 282 -8.33 -33.52 -21.60
C ASN B 282 -7.78 -34.52 -20.62
N TRP B 283 -8.07 -35.80 -20.83
CA TRP B 283 -7.53 -36.80 -19.92
C TRP B 283 -6.01 -36.75 -20.07
N LEU B 284 -5.56 -36.56 -21.30
CA LEU B 284 -4.14 -36.49 -21.60
C LEU B 284 -3.53 -35.20 -21.05
N ASN B 285 -4.23 -34.09 -21.17
CA ASN B 285 -3.71 -32.84 -20.65
C ASN B 285 -3.43 -33.03 -19.17
N LEU B 286 -4.40 -33.61 -18.46
CA LEU B 286 -4.22 -33.82 -17.03
C LEU B 286 -3.03 -34.71 -16.76
N LYS B 287 -3.12 -35.92 -17.29
CA LYS B 287 -2.08 -36.93 -17.13
C LYS B 287 -0.66 -36.43 -17.39
N GLN B 288 -0.49 -35.56 -18.38
CA GLN B 288 0.86 -35.11 -18.68
C GLN B 288 1.28 -33.66 -18.44
N ASN B 289 0.33 -32.75 -18.32
CA ASN B 289 0.69 -31.36 -18.10
C ASN B 289 0.24 -30.83 -16.77
N ILE B 290 -0.83 -31.41 -16.24
CA ILE B 290 -1.38 -30.98 -14.98
C ILE B 290 -0.96 -31.80 -13.75
N LEU B 291 -1.37 -33.06 -13.68
CA LEU B 291 -1.03 -33.91 -12.54
C LEU B 291 0.46 -33.91 -12.13
N PRO B 292 1.38 -34.02 -13.10
CA PRO B 292 2.81 -34.04 -12.78
C PRO B 292 3.29 -32.84 -11.94
N THR B 293 2.50 -31.77 -11.93
CA THR B 293 2.86 -30.58 -11.17
C THR B 293 2.34 -30.59 -9.72
N ARG B 294 1.50 -31.56 -9.39
CA ARG B 294 0.93 -31.62 -8.06
C ARG B 294 1.94 -31.48 -6.93
N GLU B 295 3.03 -32.22 -7.02
CA GLU B 295 4.05 -32.19 -5.99
C GLU B 295 4.83 -30.89 -5.94
N ARG B 296 4.55 -29.99 -6.86
CA ARG B 296 5.22 -28.69 -6.89
C ARG B 296 4.41 -27.70 -6.04
N ALA B 297 3.25 -28.15 -5.59
CA ALA B 297 2.37 -27.33 -4.78
C ALA B 297 2.88 -27.25 -3.35
N SER B 298 2.47 -26.20 -2.66
CA SER B 298 2.87 -25.99 -1.29
C SER B 298 1.86 -26.72 -0.41
N LEU B 299 0.63 -26.78 -0.89
CA LEU B 299 -0.44 -27.41 -0.16
C LEU B 299 -1.32 -28.15 -1.14
N ILE B 300 -1.76 -29.34 -0.73
CA ILE B 300 -2.61 -30.16 -1.56
C ILE B 300 -3.93 -30.48 -0.88
N LEU B 301 -5.02 -30.26 -1.62
CA LEU B 301 -6.37 -30.54 -1.14
C LEU B 301 -6.88 -31.73 -1.94
N THR B 302 -7.41 -32.73 -1.23
CA THR B 302 -7.94 -33.93 -1.86
C THR B 302 -9.43 -34.01 -1.57
N LYS B 303 -10.24 -33.98 -2.62
CA LYS B 303 -11.69 -34.02 -2.47
C LYS B 303 -12.32 -35.37 -2.75
N SER B 304 -13.55 -35.54 -2.26
CA SER B 304 -14.29 -36.77 -2.46
C SER B 304 -15.40 -36.49 -3.45
N ALA B 305 -16.08 -37.55 -3.88
CA ALA B 305 -17.15 -37.46 -4.85
C ALA B 305 -18.00 -36.20 -4.78
N ASN B 306 -18.19 -35.65 -3.57
CA ASN B 306 -19.02 -34.47 -3.41
C ASN B 306 -18.31 -33.14 -3.15
N HIS B 307 -17.07 -33.04 -3.59
CA HIS B 307 -16.25 -31.85 -3.44
C HIS B 307 -15.88 -31.60 -1.97
N ALA B 308 -16.26 -32.54 -1.11
CA ALA B 308 -15.93 -32.42 0.30
C ALA B 308 -14.44 -32.74 0.35
N VAL B 309 -13.68 -31.94 1.10
CA VAL B 309 -12.25 -32.17 1.21
C VAL B 309 -11.96 -33.25 2.25
N GLU B 310 -11.34 -34.35 1.82
CA GLU B 310 -11.03 -35.47 2.72
C GLU B 310 -9.61 -35.46 3.28
N GLU B 311 -8.68 -34.81 2.58
CA GLU B 311 -7.31 -34.74 3.05
C GLU B 311 -6.64 -33.41 2.75
N VAL B 312 -5.60 -33.12 3.51
CA VAL B 312 -4.85 -31.88 3.36
C VAL B 312 -3.38 -32.15 3.61
N ARG B 313 -2.54 -31.79 2.65
CA ARG B 313 -1.10 -31.98 2.80
C ARG B 313 -0.42 -30.62 2.70
N LEU B 314 0.43 -30.31 3.67
CA LEU B 314 1.14 -29.05 3.66
C LEU B 314 2.63 -29.36 3.71
N ARG B 315 3.41 -28.68 2.88
CA ARG B 315 4.84 -28.92 2.84
C ARG B 315 5.51 -28.69 4.19
N LYS B 316 6.43 -29.60 4.54
CA LYS B 316 7.16 -29.54 5.81
C LYS B 316 8.14 -28.38 5.79
N LEU C 8 -15.05 28.56 31.69
CA LEU C 8 -14.95 29.37 30.43
C LEU C 8 -14.72 28.40 29.29
N THR C 10 -14.07 26.47 25.72
CA THR C 10 -13.38 26.59 24.48
C THR C 10 -13.57 25.38 23.58
N PRO C 11 -12.89 25.40 22.42
CA PRO C 11 -13.01 24.27 21.51
C PRO C 11 -12.03 23.12 21.82
N TYR C 12 -11.31 23.23 22.92
CA TYR C 12 -10.34 22.20 23.29
C TYR C 12 -10.52 21.57 24.66
N LEU C 13 -10.19 20.28 24.77
CA LEU C 13 -10.24 19.56 26.04
C LEU C 13 -8.84 19.75 26.60
N GLN C 14 -8.73 20.09 27.88
CA GLN C 14 -7.41 20.31 28.48
C GLN C 14 -6.97 19.18 29.40
N PHE C 15 -5.68 18.88 29.36
CA PHE C 15 -5.08 17.83 30.18
C PHE C 15 -3.72 18.27 30.67
N ASP C 16 -3.51 18.22 31.98
CA ASP C 16 -2.20 18.58 32.52
C ASP C 16 -1.40 17.28 32.44
N ARG C 17 -0.08 17.38 32.55
CA ARG C 17 0.79 16.21 32.48
C ARG C 17 0.15 15.00 33.17
N ASN C 18 -0.25 15.20 34.42
CA ASN C 18 -0.87 14.14 35.22
C ASN C 18 -2.04 13.44 34.54
N GLN C 19 -3.12 14.19 34.30
CA GLN C 19 -4.32 13.64 33.67
C GLN C 19 -4.05 12.76 32.44
N TRP C 20 -3.04 13.15 31.67
CA TRP C 20 -2.64 12.43 30.46
C TRP C 20 -1.97 11.08 30.75
N ALA C 21 -0.84 11.16 31.44
CA ALA C 21 -0.08 9.97 31.81
C ALA C 21 -0.93 9.07 32.73
N ALA C 22 -2.22 9.37 32.79
CA ALA C 22 -3.16 8.61 33.62
C ALA C 22 -4.07 7.73 32.76
N LEU C 23 -4.52 8.27 31.63
CA LEU C 23 -5.37 7.53 30.71
C LEU C 23 -4.54 6.52 29.94
N ARG C 24 -3.27 6.40 30.32
CA ARG C 24 -2.35 5.48 29.67
C ARG C 24 -2.54 4.03 30.14
N ASP C 25 -2.97 3.83 31.38
CA ASP C 25 -3.17 2.47 31.89
C ASP C 25 -4.28 1.76 31.09
N SER C 26 -5.29 2.53 30.67
CA SER C 26 -6.44 2.05 29.91
C SER C 26 -6.25 0.74 29.12
N VAL C 27 -5.50 0.84 28.02
CA VAL C 27 -5.18 -0.29 27.16
C VAL C 27 -3.70 -0.61 27.47
N PRO C 28 -3.46 -1.60 28.36
CA PRO C 28 -2.14 -2.06 28.81
C PRO C 28 -0.93 -1.77 27.95
N THR C 30 2.82 -1.51 26.68
CA THR C 30 4.17 -1.96 26.85
C THR C 30 4.97 -2.15 25.57
N LEU C 31 6.26 -1.88 25.69
CA LEU C 31 7.23 -2.03 24.61
C LEU C 31 8.30 -3.07 24.92
N SER C 32 9.52 -2.83 24.45
CA SER C 32 10.59 -3.79 24.68
C SER C 32 11.85 -3.48 23.92
N GLU C 33 12.82 -4.39 24.03
CA GLU C 33 14.05 -4.27 23.28
C GLU C 33 13.65 -4.44 21.83
N ASP C 34 14.44 -3.87 20.95
CA ASP C 34 14.17 -3.92 19.52
C ASP C 34 13.23 -2.80 19.18
N GLU C 35 12.93 -1.98 20.17
CA GLU C 35 12.11 -0.82 19.91
C GLU C 35 12.74 0.34 20.67
N ILE C 36 13.28 0.00 21.83
CA ILE C 36 13.94 0.98 22.65
C ILE C 36 15.12 1.50 21.85
N ALA C 37 15.84 0.59 21.21
CA ALA C 37 16.98 0.97 20.38
C ALA C 37 16.47 1.85 19.25
N ARG C 38 15.30 1.46 18.72
CA ARG C 38 14.65 2.22 17.66
C ARG C 38 14.55 3.67 18.18
N LEU C 39 13.64 3.89 19.14
CA LEU C 39 13.42 5.20 19.75
C LEU C 39 14.69 5.89 20.21
N LYS C 40 15.42 5.21 21.08
CA LYS C 40 16.67 5.73 21.61
C LYS C 40 17.58 6.17 20.45
N GLY C 41 17.46 5.50 19.32
CA GLY C 41 18.27 5.85 18.17
C GLY C 41 17.74 7.13 17.54
N ILE C 42 16.43 7.31 17.62
CA ILE C 42 15.75 8.48 17.07
C ILE C 42 16.28 9.75 17.70
N ASN C 43 16.13 9.85 19.01
CA ASN C 43 16.57 11.03 19.72
C ASN C 43 17.57 10.84 20.84
N GLU C 44 17.45 9.74 21.59
CA GLU C 44 18.36 9.45 22.71
C GLU C 44 18.31 10.46 23.86
N ASP C 45 17.73 11.63 23.60
CA ASP C 45 17.57 12.67 24.62
C ASP C 45 16.15 12.48 25.14
N LEU C 46 15.42 11.62 24.45
CA LEU C 46 14.04 11.34 24.81
C LEU C 46 14.11 10.21 25.81
N SER C 47 13.50 10.41 26.96
CA SER C 47 13.49 9.38 27.98
C SER C 47 12.39 8.39 27.66
N LEU C 48 12.57 7.14 28.08
CA LEU C 48 11.58 6.10 27.85
C LEU C 48 10.37 6.43 28.71
N GLU C 49 10.62 7.15 29.79
CA GLU C 49 9.58 7.53 30.72
C GLU C 49 8.63 8.50 30.00
N GLU C 50 9.21 9.46 29.27
CA GLU C 50 8.40 10.43 28.56
C GLU C 50 7.62 9.71 27.46
N VAL C 51 8.28 8.75 26.81
CA VAL C 51 7.66 7.98 25.74
C VAL C 51 6.41 7.26 26.26
N ALA C 52 6.59 6.51 27.34
CA ALA C 52 5.50 5.73 27.93
C ALA C 52 4.39 6.57 28.56
N GLU C 53 4.77 7.73 29.09
CA GLU C 53 3.78 8.59 29.75
C GLU C 53 3.07 9.54 28.80
N ILE C 54 3.74 9.90 27.71
CA ILE C 54 3.16 10.84 26.75
C ILE C 54 2.83 10.27 25.36
N TYR C 55 3.85 9.93 24.60
CA TYR C 55 3.64 9.43 23.26
C TYR C 55 2.95 8.09 23.08
N LEU C 56 3.15 7.15 23.99
CA LEU C 56 2.46 5.87 23.84
C LEU C 56 0.95 6.13 23.93
N PRO C 57 0.50 6.87 24.96
CA PRO C 57 -0.95 7.12 25.04
C PRO C 57 -1.42 7.97 23.85
N LEU C 58 -0.52 8.83 23.38
CA LEU C 58 -0.84 9.67 22.23
C LEU C 58 -1.18 8.76 21.06
N SER C 59 -0.25 7.88 20.71
CA SER C 59 -0.46 6.97 19.59
C SER C 59 -1.71 6.13 19.82
N ARG C 60 -1.98 5.75 21.05
CA ARG C 60 -3.18 4.97 21.33
C ARG C 60 -4.40 5.80 20.96
N LEU C 61 -4.34 7.10 21.26
CA LEU C 61 -5.44 8.01 20.96
C LEU C 61 -5.66 8.02 19.45
N LEU C 62 -4.60 8.35 18.72
CA LEU C 62 -4.59 8.41 17.27
C LEU C 62 -5.16 7.14 16.63
N ASN C 63 -4.77 5.98 17.17
CA ASN C 63 -5.27 4.73 16.65
C ASN C 63 -6.81 4.66 16.69
N PHE C 64 -7.39 5.19 17.78
CA PHE C 64 -8.83 5.19 17.92
C PHE C 64 -9.44 5.96 16.75
N TYR C 65 -8.84 7.12 16.48
CA TYR C 65 -9.30 7.97 15.40
C TYR C 65 -9.15 7.25 14.06
N ILE C 66 -7.97 6.68 13.82
CA ILE C 66 -7.67 5.95 12.60
C ILE C 66 -8.57 4.72 12.40
N SER C 67 -8.64 3.88 13.42
CA SER C 67 -9.49 2.70 13.38
C SER C 67 -10.96 3.08 13.11
N SER C 68 -11.42 4.14 13.76
CA SER C 68 -12.80 4.59 13.57
C SER C 68 -13.01 4.91 12.12
N ASN C 69 -11.98 5.48 11.51
CA ASN C 69 -12.01 5.83 10.10
C ASN C 69 -12.20 4.60 9.22
N LEU C 70 -11.30 3.62 9.37
CA LEU C 70 -11.39 2.39 8.59
C LEU C 70 -12.76 1.78 8.74
N ARG C 71 -13.30 1.83 9.96
CA ARG C 71 -14.62 1.29 10.21
C ARG C 71 -15.64 1.95 9.29
N ARG C 72 -15.51 3.28 9.16
CA ARG C 72 -16.40 4.06 8.31
C ARG C 72 -16.19 3.65 6.86
N GLN C 73 -14.92 3.51 6.47
CA GLN C 73 -14.51 3.11 5.12
C GLN C 73 -15.31 1.89 4.69
N ALA C 74 -15.28 0.86 5.52
CA ALA C 74 -16.00 -0.37 5.25
C ALA C 74 -17.47 -0.08 5.00
N VAL C 75 -18.15 0.50 5.98
CA VAL C 75 -19.58 0.81 5.86
C VAL C 75 -19.94 1.54 4.55
N LEU C 76 -19.18 2.58 4.23
CA LEU C 76 -19.42 3.35 3.02
C LEU C 76 -19.09 2.52 1.78
N GLU C 77 -17.93 1.86 1.80
CA GLU C 77 -17.47 1.02 0.69
C GLU C 77 -18.59 0.09 0.25
N GLN C 78 -19.33 -0.42 1.21
CA GLN C 78 -20.45 -1.31 0.94
C GLN C 78 -21.56 -0.51 0.29
N PHE C 79 -22.09 0.45 1.05
CA PHE C 79 -23.16 1.32 0.58
C PHE C 79 -23.03 1.83 -0.91
N LEU C 80 -21.83 2.17 -1.45
CA LEU C 80 -21.65 2.64 -2.88
C LEU C 80 -20.78 1.70 -3.73
N GLY C 81 -20.31 0.62 -3.12
CA GLY C 81 -19.50 -0.33 -3.86
C GLY C 81 -18.07 0.14 -4.02
N THR C 82 -17.91 1.26 -4.71
CA THR C 82 -16.61 1.88 -4.98
C THR C 82 -15.40 0.93 -4.94
N ASN C 83 -15.00 0.53 -3.74
CA ASN C 83 -13.88 -0.38 -3.52
C ASN C 83 -12.53 -0.02 -4.16
N GLY C 84 -11.49 -0.76 -3.78
CA GLY C 84 -10.17 -0.52 -4.31
C GLY C 84 -9.57 0.76 -3.77
N GLN C 85 -8.74 1.41 -4.60
CA GLN C 85 -8.07 2.67 -4.27
C GLN C 85 -7.70 2.89 -2.81
N ARG C 86 -6.41 2.82 -2.52
CA ARG C 86 -5.92 3.00 -1.17
C ARG C 86 -5.63 4.46 -0.87
N ILE C 87 -6.46 5.10 -0.05
CA ILE C 87 -6.21 6.49 0.32
C ILE C 87 -5.63 6.46 1.75
N PRO C 88 -4.50 7.08 2.03
CA PRO C 88 -3.83 7.13 3.34
C PRO C 88 -4.39 8.11 4.37
N TYR C 89 -4.14 7.81 5.64
CA TYR C 89 -4.55 8.63 6.76
C TYR C 89 -3.39 9.59 6.95
N ILE C 90 -3.64 10.87 6.75
CA ILE C 90 -2.56 11.80 6.92
C ILE C 90 -2.66 12.56 8.22
N ILE C 91 -1.51 12.66 8.87
CA ILE C 91 -1.36 13.36 10.13
C ILE C 91 -0.27 14.39 9.90
N SER C 92 -0.51 15.63 10.32
CA SER C 92 0.49 16.68 10.15
C SER C 92 0.96 17.18 11.49
N ILE C 93 2.23 17.57 11.55
CA ILE C 93 2.82 18.07 12.77
C ILE C 93 3.43 19.41 12.45
N ALA C 94 3.01 20.43 13.18
CA ALA C 94 3.50 21.81 12.99
C ALA C 94 4.17 22.33 14.25
N GLY C 95 4.77 23.52 14.15
CA GLY C 95 5.44 24.12 15.28
C GLY C 95 6.58 25.02 14.82
N SER C 96 7.25 25.67 15.74
CA SER C 96 8.35 26.55 15.38
C SER C 96 9.63 25.73 15.21
N VAL C 97 10.72 26.41 14.86
CA VAL C 97 12.02 25.79 14.68
C VAL C 97 12.49 25.06 15.95
N ALA C 98 13.20 23.96 15.75
CA ALA C 98 13.75 23.19 16.85
C ALA C 98 12.75 22.90 17.97
N VAL C 99 11.48 22.83 17.64
CA VAL C 99 10.50 22.54 18.67
C VAL C 99 10.34 21.03 18.92
N GLY C 100 10.81 20.22 17.98
CA GLY C 100 10.70 18.78 18.12
C GLY C 100 9.68 18.19 17.16
N LYS C 101 9.48 18.87 16.04
CA LYS C 101 8.53 18.37 15.03
C LYS C 101 9.02 17.01 14.54
N SER C 102 10.26 16.96 14.06
CA SER C 102 10.85 15.73 13.57
C SER C 102 10.76 14.61 14.61
N THR C 103 11.34 14.83 15.78
CA THR C 103 11.32 13.84 16.84
C THR C 103 9.92 13.24 17.04
N THR C 104 8.93 14.11 17.25
CA THR C 104 7.56 13.66 17.44
C THR C 104 7.08 12.81 16.28
N ALA C 105 7.33 13.30 15.07
CA ALA C 105 6.94 12.59 13.86
C ALA C 105 7.56 11.20 13.88
N ARG C 106 8.89 11.17 13.94
CA ARG C 106 9.66 9.93 13.95
C ARG C 106 9.15 8.94 14.99
N VAL C 107 8.89 9.46 16.18
CA VAL C 107 8.40 8.66 17.30
C VAL C 107 7.03 8.05 17.05
N LEU C 108 6.10 8.86 16.54
CA LEU C 108 4.77 8.34 16.26
C LEU C 108 4.82 7.35 15.11
N GLN C 109 5.75 7.55 14.18
CA GLN C 109 5.87 6.63 13.06
C GLN C 109 6.14 5.27 13.65
N ALA C 110 7.11 5.20 14.57
CA ALA C 110 7.48 3.96 15.22
C ALA C 110 6.31 3.29 15.95
N LEU C 111 5.76 3.96 16.97
CA LEU C 111 4.65 3.36 17.71
C LEU C 111 3.44 3.01 16.86
N LEU C 112 3.08 3.88 15.93
CA LEU C 112 1.90 3.64 15.10
C LEU C 112 1.96 2.39 14.23
N SER C 113 3.15 2.03 13.79
CA SER C 113 3.25 0.85 12.95
C SER C 113 3.01 -0.44 13.71
N ARG C 114 2.97 -0.38 15.04
CA ARG C 114 2.77 -1.59 15.84
C ARG C 114 1.32 -2.12 15.93
N TRP C 115 0.42 -1.50 15.19
CA TRP C 115 -0.97 -1.95 15.17
C TRP C 115 -1.20 -2.69 13.87
N PRO C 116 -1.88 -3.85 13.92
CA PRO C 116 -2.14 -4.61 12.69
C PRO C 116 -3.02 -3.88 11.67
N GLU C 117 -3.81 -2.90 12.16
CA GLU C 117 -4.82 -2.15 11.34
C GLU C 117 -4.02 -1.46 10.28
N HIS C 118 -2.91 -0.93 10.69
CA HIS C 118 -2.07 -0.35 9.65
C HIS C 118 -0.85 -1.12 9.24
N ARG C 119 0.07 -1.02 10.21
CA ARG C 119 1.41 -1.57 10.20
C ARG C 119 2.38 -0.78 9.31
N ARG C 120 1.95 0.27 8.60
CA ARG C 120 2.79 0.92 7.57
C ARG C 120 2.55 2.41 7.61
N VAL C 121 3.64 3.12 7.76
CA VAL C 121 3.53 4.51 8.05
C VAL C 121 4.68 5.26 7.49
N GLU C 122 4.31 6.05 6.53
CA GLU C 122 5.28 6.83 5.84
C GLU C 122 5.49 8.15 6.55
N LEU C 123 6.63 8.80 6.32
CA LEU C 123 6.91 10.07 6.96
C LEU C 123 7.59 11.03 5.99
N ILE C 124 6.96 12.18 5.74
CA ILE C 124 7.50 13.18 4.84
C ILE C 124 7.72 14.52 5.55
N THR C 125 8.92 15.05 5.43
CA THR C 125 9.26 16.31 6.04
C THR C 125 9.04 17.44 5.03
N THR C 126 8.36 18.48 5.48
CA THR C 126 8.04 19.63 4.65
C THR C 126 9.21 20.43 4.10
N ASP C 127 10.40 20.27 4.67
CA ASP C 127 11.56 21.01 4.19
C ASP C 127 11.92 20.72 2.74
N GLY C 128 11.74 19.47 2.32
CA GLY C 128 12.05 19.09 0.95
C GLY C 128 11.30 19.92 -0.08
N PHE C 129 10.25 20.62 0.36
CA PHE C 129 9.47 21.45 -0.57
C PHE C 129 9.90 22.91 -0.62
N LEU C 130 11.02 23.21 0.00
CA LEU C 130 11.57 24.55 -0.02
C LEU C 130 12.17 24.71 -1.42
N HIS C 131 12.27 25.94 -1.88
CA HIS C 131 12.88 26.18 -3.19
C HIS C 131 14.38 25.94 -3.03
N PRO C 132 15.00 25.28 -4.02
CA PRO C 132 16.43 25.03 -3.92
C PRO C 132 17.16 26.34 -3.68
N ASN C 133 18.26 26.27 -2.95
CA ASN C 133 19.02 27.47 -2.62
C ASN C 133 19.29 28.33 -3.83
N GLN C 134 19.47 27.69 -4.96
CA GLN C 134 19.75 28.42 -6.18
C GLN C 134 18.64 29.42 -6.45
N VAL C 135 17.39 28.96 -6.28
CA VAL C 135 16.22 29.81 -6.51
C VAL C 135 16.15 30.88 -5.43
N LEU C 136 16.28 30.43 -4.19
CA LEU C 136 16.24 31.30 -3.02
C LEU C 136 17.26 32.44 -3.15
N LYS C 137 18.44 32.12 -3.65
CA LYS C 137 19.47 33.13 -3.83
C LYS C 137 18.94 34.15 -4.82
N GLU C 138 18.29 33.68 -5.88
CA GLU C 138 17.74 34.56 -6.91
C GLU C 138 16.75 35.55 -6.31
N ARG C 139 15.97 35.06 -5.35
CA ARG C 139 14.96 35.87 -4.70
C ARG C 139 15.48 36.46 -3.39
N GLY C 140 16.79 36.36 -3.17
CA GLY C 140 17.36 36.88 -1.93
C GLY C 140 16.58 36.40 -0.72
N LEU C 141 16.35 35.10 -0.63
CA LEU C 141 15.59 34.58 0.48
C LEU C 141 16.36 33.58 1.28
N LYS C 143 18.02 33.65 3.84
CA LYS C 143 18.21 34.01 5.23
C LYS C 143 16.79 33.87 5.75
N LYS C 144 15.85 33.69 4.82
CA LYS C 144 14.44 33.54 5.17
C LYS C 144 13.85 32.16 4.86
N LYS C 145 14.69 31.13 4.92
CA LYS C 145 14.23 29.77 4.66
C LYS C 145 13.20 29.47 5.74
N GLY C 146 12.02 29.04 5.35
CA GLY C 146 10.98 28.72 6.31
C GLY C 146 9.82 29.70 6.25
N PHE C 147 9.99 30.77 5.48
CA PHE C 147 8.96 31.80 5.31
C PHE C 147 8.07 31.33 4.15
N PRO C 148 6.78 31.67 4.18
CA PRO C 148 5.87 31.26 3.09
C PRO C 148 6.45 31.31 1.67
N GLU C 149 7.28 32.31 1.37
CA GLU C 149 7.83 32.42 0.02
C GLU C 149 9.09 31.62 -0.24
N SER C 150 9.57 30.89 0.76
CA SER C 150 10.76 30.07 0.58
C SER C 150 10.23 28.68 0.28
N TYR C 151 8.91 28.57 0.27
CA TYR C 151 8.24 27.29 0.01
C TYR C 151 7.58 27.27 -1.35
N ASP C 152 7.59 26.10 -1.96
CA ASP C 152 6.96 25.86 -3.24
C ASP C 152 5.73 25.11 -2.80
N HIS C 154 2.71 25.00 -3.86
CA HIS C 154 1.70 24.65 -4.82
C HIS C 154 2.05 23.17 -4.99
N ARG C 155 3.35 22.86 -4.98
CA ARG C 155 3.82 21.49 -5.12
C ARG C 155 3.48 20.62 -3.89
N LEU C 156 3.59 21.20 -2.70
CA LEU C 156 3.28 20.47 -1.48
C LEU C 156 1.80 20.12 -1.42
N VAL C 157 0.95 21.10 -1.69
CA VAL C 157 -0.50 20.89 -1.67
C VAL C 157 -0.90 19.83 -2.70
N LYS C 158 -0.23 19.86 -3.85
CA LYS C 158 -0.51 18.90 -4.90
C LYS C 158 -0.08 17.50 -4.44
N PHE C 159 0.95 17.46 -3.60
CA PHE C 159 1.46 16.20 -3.09
C PHE C 159 0.41 15.47 -2.26
N VAL C 160 -0.07 16.12 -1.21
CA VAL C 160 -1.08 15.50 -0.35
C VAL C 160 -2.37 15.34 -1.12
N SER C 161 -2.63 16.27 -2.04
CA SER C 161 -3.84 16.23 -2.84
C SER C 161 -3.83 14.94 -3.63
N ASP C 162 -2.69 14.64 -4.26
CA ASP C 162 -2.55 13.44 -5.04
C ASP C 162 -2.76 12.22 -4.17
N LEU C 163 -2.07 12.17 -3.05
CA LEU C 163 -2.20 11.07 -2.10
C LEU C 163 -3.67 10.82 -1.78
N LYS C 164 -4.39 11.91 -1.51
CA LYS C 164 -5.81 11.83 -1.18
C LYS C 164 -6.67 11.62 -2.43
N SER C 165 -6.00 11.51 -3.58
CA SER C 165 -6.68 11.30 -4.88
C SER C 165 -6.62 9.85 -5.29
N GLY C 166 -5.85 9.05 -4.56
CA GLY C 166 -5.76 7.65 -4.88
C GLY C 166 -4.59 7.31 -5.76
N VAL C 167 -3.83 8.34 -6.16
CA VAL C 167 -2.67 8.12 -7.00
C VAL C 167 -1.78 7.11 -6.28
N PRO C 168 -1.47 5.98 -6.95
CA PRO C 168 -0.65 4.89 -6.42
C PRO C 168 0.67 5.30 -5.81
N ASN C 169 1.64 5.60 -6.65
CA ASN C 169 2.93 6.01 -6.14
C ASN C 169 3.10 7.51 -6.42
N VAL C 170 3.38 8.25 -5.37
CA VAL C 170 3.55 9.69 -5.47
C VAL C 170 4.96 10.01 -5.02
N THR C 171 5.64 10.86 -5.78
CA THR C 171 7.02 11.24 -5.47
C THR C 171 7.06 12.54 -4.68
N ALA C 172 8.06 12.65 -3.81
CA ALA C 172 8.20 13.85 -2.99
C ALA C 172 9.65 14.31 -2.94
N PRO C 173 9.89 15.63 -3.00
CA PRO C 173 11.28 16.08 -2.96
C PRO C 173 11.84 15.86 -1.55
N VAL C 174 13.16 15.79 -1.43
CA VAL C 174 13.77 15.58 -0.13
C VAL C 174 14.82 16.62 0.19
N TYR C 175 14.84 17.06 1.44
CA TYR C 175 15.80 18.06 1.91
C TYR C 175 16.98 17.38 2.60
N SER C 176 18.19 17.85 2.35
CA SER C 176 19.37 17.26 2.96
C SER C 176 19.89 18.15 4.07
N HIS C 177 20.12 17.55 5.23
CA HIS C 177 20.62 18.32 6.35
C HIS C 177 22.13 18.31 6.41
N LEU C 178 22.73 17.85 5.31
CA LEU C 178 24.18 17.79 5.15
C LEU C 178 24.55 19.04 4.35
N ILE C 179 23.94 19.14 3.17
CA ILE C 179 24.17 20.26 2.28
C ILE C 179 23.15 21.36 2.51
N TYR C 180 22.11 21.06 3.29
CA TYR C 180 21.07 22.04 3.60
C TYR C 180 20.54 22.63 2.32
N ASP C 181 19.89 21.78 1.52
CA ASP C 181 19.33 22.19 0.24
C ASP C 181 18.55 20.97 -0.25
N VAL C 182 17.60 21.20 -1.14
CA VAL C 182 16.81 20.11 -1.70
C VAL C 182 17.75 19.25 -2.59
N ILE C 183 17.86 17.96 -2.26
CA ILE C 183 18.71 17.02 -3.00
C ILE C 183 18.24 16.89 -4.45
N PRO C 184 19.09 17.30 -5.42
CA PRO C 184 18.88 17.28 -6.86
C PRO C 184 18.00 16.18 -7.40
N ASP C 185 18.46 14.94 -7.26
CA ASP C 185 17.67 13.84 -7.76
C ASP C 185 17.43 12.84 -6.65
N GLY C 186 17.02 13.36 -5.50
CA GLY C 186 16.79 12.50 -4.37
C GLY C 186 15.33 12.39 -3.97
N ASP C 187 14.43 12.64 -4.91
CA ASP C 187 13.00 12.56 -4.59
C ASP C 187 12.63 11.16 -4.11
N LYS C 188 11.75 11.12 -3.11
CA LYS C 188 11.31 9.86 -2.51
C LYS C 188 9.92 9.46 -3.04
N THR C 189 9.72 8.16 -3.27
CA THR C 189 8.42 7.66 -3.76
C THR C 189 7.58 7.15 -2.62
N VAL C 190 6.35 7.63 -2.57
CA VAL C 190 5.44 7.22 -1.52
C VAL C 190 4.53 6.18 -2.13
N VAL C 191 4.83 4.91 -1.88
CA VAL C 191 4.00 3.87 -2.43
C VAL C 191 2.92 3.51 -1.41
N GLN C 192 1.79 4.18 -1.58
CA GLN C 192 0.57 4.06 -0.77
C GLN C 192 0.65 3.44 0.62
N PRO C 193 1.05 4.23 1.61
CA PRO C 193 1.15 3.78 2.99
C PRO C 193 -0.23 3.85 3.62
N ASP C 194 -0.37 3.30 4.81
CA ASP C 194 -1.65 3.32 5.50
C ASP C 194 -1.77 4.68 6.18
N ILE C 195 -0.67 5.12 6.75
CA ILE C 195 -0.64 6.40 7.43
C ILE C 195 0.55 7.17 6.94
N LEU C 196 0.34 8.45 6.64
CA LEU C 196 1.45 9.29 6.22
C LEU C 196 1.53 10.45 7.23
N ILE C 197 2.75 10.70 7.71
CA ILE C 197 3.00 11.76 8.68
C ILE C 197 3.75 12.91 8.00
N LEU C 198 3.10 14.05 7.92
CA LEU C 198 3.70 15.22 7.30
C LEU C 198 4.21 16.23 8.34
N GLU C 199 5.52 16.28 8.52
CA GLU C 199 6.10 17.18 9.50
C GLU C 199 6.71 18.40 8.85
N GLY C 200 6.49 19.56 9.47
CA GLY C 200 7.03 20.81 8.95
C GLY C 200 6.44 22.01 9.65
N LEU C 201 6.99 23.19 9.36
CA LEU C 201 6.53 24.44 9.96
C LEU C 201 5.19 24.94 9.44
N ASN C 202 4.97 24.78 8.14
CA ASN C 202 3.77 25.28 7.48
C ASN C 202 2.56 24.39 7.27
N VAL C 203 2.53 23.20 7.83
CA VAL C 203 1.39 22.32 7.58
C VAL C 203 0.01 22.87 7.97
N LEU C 204 -0.03 23.97 8.71
CA LEU C 204 -1.32 24.53 9.13
C LEU C 204 -1.69 25.86 8.48
N GLN C 205 -0.87 26.31 7.53
CA GLN C 205 -1.13 27.55 6.83
C GLN C 205 -2.13 27.41 5.69
N SER C 206 -2.67 28.56 5.26
CA SER C 206 -3.64 28.60 4.20
C SER C 206 -3.21 29.63 3.17
N GLY C 207 -4.07 29.91 2.19
CA GLY C 207 -3.72 30.89 1.19
C GLY C 207 -3.48 32.28 1.81
N ASP C 209 -1.60 33.11 4.05
CA ASP C 209 -0.15 33.25 4.22
C ASP C 209 0.69 33.31 2.95
N TYR C 210 0.05 33.16 1.78
CA TYR C 210 0.79 33.20 0.52
C TYR C 210 0.12 34.17 -0.44
N PRO C 211 0.04 35.46 -0.06
CA PRO C 211 -0.57 36.47 -0.92
C PRO C 211 0.21 36.73 -2.20
N HIS C 212 1.51 36.42 -2.16
CA HIS C 212 2.36 36.63 -3.33
C HIS C 212 2.08 35.62 -4.44
N ASP C 213 1.45 34.51 -4.07
CA ASP C 213 1.11 33.42 -4.98
C ASP C 213 0.10 32.53 -4.25
N PRO C 214 -1.12 33.04 -4.06
CA PRO C 214 -2.20 32.31 -3.36
C PRO C 214 -2.59 30.95 -3.90
N HIS C 215 -3.17 30.14 -3.01
CA HIS C 215 -3.68 28.82 -3.33
C HIS C 215 -5.01 28.76 -2.56
N HIS C 216 -6.04 28.14 -3.14
CA HIS C 216 -7.35 28.14 -2.51
C HIS C 216 -7.85 26.87 -1.85
N VAL C 217 -7.01 25.86 -1.85
CA VAL C 217 -7.33 24.60 -1.19
C VAL C 217 -6.04 24.32 -0.47
N PHE C 218 -6.13 24.17 0.85
CA PHE C 218 -4.95 23.97 1.69
C PHE C 218 -4.60 22.59 2.12
N VAL C 219 -3.35 22.46 2.54
CA VAL C 219 -2.82 21.20 3.01
C VAL C 219 -3.74 20.61 4.07
N SER C 220 -4.24 21.46 4.96
CA SER C 220 -5.13 21.00 6.00
C SER C 220 -6.39 20.36 5.41
N ASP C 221 -6.72 20.72 4.17
CA ASP C 221 -7.90 20.17 3.52
C ASP C 221 -7.65 18.72 3.13
N PHE C 222 -6.40 18.28 3.26
CA PHE C 222 -6.02 16.91 2.93
C PHE C 222 -5.38 16.19 4.11
N VAL C 223 -5.47 16.77 5.29
CA VAL C 223 -4.91 16.13 6.47
C VAL C 223 -6.03 15.71 7.38
N ASP C 224 -5.94 14.49 7.90
CA ASP C 224 -6.98 13.95 8.77
C ASP C 224 -6.84 14.39 10.23
N PHE C 225 -5.60 14.58 10.67
CA PHE C 225 -5.37 14.95 12.05
C PHE C 225 -4.12 15.79 12.15
N SER C 226 -4.24 16.97 12.73
CA SER C 226 -3.08 17.85 12.85
C SER C 226 -2.64 18.01 14.29
N ILE C 227 -1.33 18.10 14.48
CA ILE C 227 -0.78 18.26 15.80
C ILE C 227 0.11 19.49 15.82
N TYR C 228 -0.11 20.38 16.79
CA TYR C 228 0.73 21.58 16.91
C TYR C 228 1.60 21.48 18.18
N VAL C 229 2.90 21.65 18.00
CA VAL C 229 3.84 21.58 19.13
C VAL C 229 4.17 22.99 19.64
N ASP C 230 3.51 23.33 20.75
CA ASP C 230 3.64 24.63 21.40
C ASP C 230 4.64 24.70 22.56
N ALA C 231 5.17 25.90 22.77
CA ALA C 231 6.14 26.21 23.83
C ALA C 231 6.26 27.74 23.93
N PRO C 232 6.45 28.26 25.15
CA PRO C 232 6.58 29.71 25.35
C PRO C 232 7.72 30.35 24.55
N GLU C 233 7.48 31.58 24.09
CA GLU C 233 8.41 32.37 23.28
C GLU C 233 9.86 32.27 23.72
N ASP C 234 10.12 32.61 24.98
CA ASP C 234 11.47 32.56 25.54
C ASP C 234 12.18 31.23 25.28
N LEU C 235 11.42 30.14 25.37
CA LEU C 235 11.95 28.80 25.14
C LEU C 235 12.31 28.61 23.67
N LEU C 236 11.35 28.88 22.78
CA LEU C 236 11.56 28.76 21.35
C LEU C 236 12.84 29.50 20.97
N GLN C 237 13.06 30.64 21.62
CA GLN C 237 14.23 31.46 21.37
C GLN C 237 15.48 30.65 21.67
N THR C 238 15.57 30.14 22.88
CA THR C 238 16.72 29.34 23.29
C THR C 238 16.94 28.14 22.36
N TRP C 239 15.88 27.36 22.14
CA TRP C 239 15.97 26.19 21.27
C TRP C 239 16.52 26.55 19.92
N TYR C 240 16.03 27.67 19.39
CA TYR C 240 16.47 28.14 18.09
C TYR C 240 17.97 28.42 18.11
N ILE C 241 18.42 29.17 19.12
CA ILE C 241 19.84 29.52 19.26
C ILE C 241 20.68 28.26 19.38
N ASN C 242 20.22 27.33 20.20
CA ASN C 242 20.90 26.07 20.42
C ASN C 242 21.12 25.35 19.09
N ARG C 243 20.06 25.24 18.30
CA ARG C 243 20.18 24.57 17.01
C ARG C 243 21.23 25.29 16.16
N PHE C 244 21.18 26.62 16.15
CA PHE C 244 22.12 27.38 15.35
C PHE C 244 23.53 27.10 15.82
N LEU C 245 23.71 27.16 17.14
CA LEU C 245 25.02 26.92 17.72
C LEU C 245 25.60 25.60 17.24
N LYS C 246 24.77 24.56 17.27
CA LYS C 246 25.15 23.23 16.85
C LYS C 246 25.42 23.06 15.35
N PHE C 247 24.44 23.42 14.52
CA PHE C 247 24.54 23.26 13.07
C PHE C 247 25.13 24.43 12.29
N ARG C 248 24.59 25.63 12.52
CA ARG C 248 25.05 26.83 11.82
C ARG C 248 24.84 26.67 10.30
N GLU C 249 23.64 26.24 9.94
CA GLU C 249 23.27 26.04 8.55
C GLU C 249 24.21 25.16 7.73
N GLY C 250 24.67 24.08 8.35
CA GLY C 250 25.55 23.15 7.68
C GLY C 250 26.87 23.73 7.24
N ALA C 251 27.32 24.79 7.90
CA ALA C 251 28.59 25.40 7.54
C ALA C 251 29.68 24.46 8.02
N PHE C 252 29.30 23.51 8.87
CA PHE C 252 30.20 22.53 9.46
C PHE C 252 30.27 21.22 8.67
N THR C 253 29.33 21.02 7.74
CA THR C 253 29.31 19.78 6.99
C THR C 253 29.49 19.97 5.49
N ASP C 254 29.38 21.20 5.02
CA ASP C 254 29.59 21.44 3.60
C ASP C 254 30.67 22.52 3.49
N PRO C 255 31.87 22.13 3.07
CA PRO C 255 32.96 23.10 2.94
C PRO C 255 32.51 24.37 2.22
N ASP C 256 31.71 24.19 1.18
CA ASP C 256 31.25 25.33 0.40
C ASP C 256 29.81 25.73 0.66
N SER C 257 29.45 25.83 1.93
CA SER C 257 28.11 26.23 2.33
C SER C 257 27.94 27.71 1.99
N TYR C 258 26.69 28.17 1.97
CA TYR C 258 26.41 29.56 1.68
C TYR C 258 26.74 30.37 2.93
N PHE C 259 26.58 29.71 4.07
CA PHE C 259 26.83 30.33 5.36
C PHE C 259 28.12 29.85 6.01
N HIS C 260 29.12 29.55 5.18
CA HIS C 260 30.39 29.07 5.69
C HIS C 260 31.01 29.96 6.76
N ASN C 261 30.93 31.27 6.56
CA ASN C 261 31.52 32.21 7.51
C ASN C 261 31.03 32.03 8.94
N TYR C 262 29.88 31.39 9.13
CA TYR C 262 29.34 31.14 10.46
C TYR C 262 30.28 30.20 11.19
N ALA C 263 31.17 29.56 10.43
CA ALA C 263 32.11 28.62 11.01
C ALA C 263 33.08 29.33 11.94
N LYS C 264 33.63 30.45 11.48
CA LYS C 264 34.58 31.22 12.27
C LYS C 264 34.04 31.82 13.58
N LEU C 265 32.73 31.98 13.64
CA LEU C 265 32.12 32.53 14.84
C LEU C 265 32.46 31.75 16.09
N THR C 266 32.79 32.48 17.16
CA THR C 266 33.10 31.86 18.44
C THR C 266 31.72 31.75 19.10
N LYS C 267 31.59 30.82 20.04
CA LYS C 267 30.34 30.64 20.75
C LYS C 267 29.65 32.00 21.00
N GLU C 268 30.28 32.87 21.79
CA GLU C 268 29.74 34.19 22.11
C GLU C 268 29.15 34.85 20.87
N GLU C 269 29.93 34.91 19.79
CA GLU C 269 29.48 35.54 18.56
C GLU C 269 28.32 34.76 17.94
N ALA C 270 28.44 33.44 17.99
CA ALA C 270 27.41 32.57 17.45
C ALA C 270 26.07 32.90 18.09
N ILE C 271 26.04 32.86 19.41
CA ILE C 271 24.84 33.17 20.16
C ILE C 271 24.36 34.57 19.74
N LYS C 272 25.28 35.53 19.75
CA LYS C 272 24.93 36.89 19.37
C LYS C 272 24.22 36.89 18.03
N THR C 273 24.79 36.18 17.07
CA THR C 273 24.24 36.10 15.73
C THR C 273 22.87 35.43 15.69
N ALA C 274 22.73 34.31 16.39
CA ALA C 274 21.47 33.58 16.42
C ALA C 274 20.36 34.47 16.93
N THR C 276 20.11 37.77 16.80
CA THR C 276 19.77 38.80 15.83
C THR C 276 18.88 38.16 14.74
N LEU C 277 19.26 36.96 14.29
CA LEU C 277 18.50 36.22 13.27
C LEU C 277 17.10 35.96 13.78
N TRP C 278 17.02 35.48 15.01
CA TRP C 278 15.73 35.17 15.62
C TRP C 278 14.90 36.44 15.81
N LYS C 279 15.42 37.38 16.61
CA LYS C 279 14.72 38.64 16.87
C LYS C 279 14.31 39.40 15.60
N GLU C 280 15.14 39.38 14.56
CA GLU C 280 14.85 40.09 13.33
C GLU C 280 14.15 39.32 12.21
N ILE C 281 14.26 38.00 12.22
CA ILE C 281 13.65 37.20 11.17
C ILE C 281 12.68 36.12 11.63
N ASN C 282 13.23 35.06 12.20
CA ASN C 282 12.44 33.92 12.65
C ASN C 282 11.42 34.18 13.74
N TRP C 283 11.69 35.18 14.58
CA TRP C 283 10.74 35.50 15.64
C TRP C 283 9.49 36.05 14.96
N LEU C 284 9.66 36.83 13.89
CA LEU C 284 8.51 37.37 13.18
C LEU C 284 7.80 36.28 12.41
N ASN C 285 8.56 35.38 11.79
CA ASN C 285 7.96 34.27 11.05
C ASN C 285 7.06 33.49 12.00
N LEU C 286 7.54 33.24 13.21
CA LEU C 286 6.75 32.52 14.18
C LEU C 286 5.52 33.36 14.54
N LYS C 287 5.78 34.58 15.00
CA LYS C 287 4.73 35.50 15.42
C LYS C 287 3.59 35.68 14.41
N GLN C 288 3.91 35.85 13.14
CA GLN C 288 2.88 36.07 12.15
C GLN C 288 2.53 34.94 11.18
N ASN C 289 3.36 33.91 11.08
CA ASN C 289 3.07 32.83 10.15
C ASN C 289 2.82 31.46 10.74
N ILE C 290 3.41 31.19 11.89
CA ILE C 290 3.21 29.90 12.51
C ILE C 290 2.23 29.97 13.66
N LEU C 291 2.60 30.69 14.73
CA LEU C 291 1.75 30.81 15.91
C LEU C 291 0.25 31.01 15.62
N PRO C 292 -0.08 31.89 14.67
CA PRO C 292 -1.49 32.14 14.34
C PRO C 292 -2.25 30.94 13.80
N THR C 293 -1.53 29.86 13.48
CA THR C 293 -2.21 28.68 12.96
C THR C 293 -2.46 27.63 14.04
N ARG C 294 -1.79 27.79 15.18
CA ARG C 294 -1.93 26.86 16.29
C ARG C 294 -3.36 26.43 16.56
N GLU C 295 -4.28 27.39 16.63
CA GLU C 295 -5.68 27.09 16.92
C GLU C 295 -6.34 26.31 15.78
N ARG C 296 -5.62 26.09 14.70
CA ARG C 296 -6.16 25.34 13.58
C ARG C 296 -5.84 23.85 13.77
N ALA C 297 -5.04 23.55 14.79
CA ALA C 297 -4.65 22.17 15.07
C ALA C 297 -5.78 21.33 15.68
N SER C 298 -5.62 20.02 15.55
CA SER C 298 -6.59 19.09 16.09
C SER C 298 -6.17 18.79 17.53
N LEU C 299 -4.87 18.79 17.75
CA LEU C 299 -4.33 18.55 19.08
C LEU C 299 -3.12 19.44 19.30
N ILE C 300 -3.00 19.96 20.52
CA ILE C 300 -1.88 20.83 20.86
C ILE C 300 -1.05 20.27 22.02
N LEU C 301 0.27 20.23 21.81
CA LEU C 301 1.24 19.76 22.79
C LEU C 301 2.06 20.94 23.29
N THR C 302 2.01 21.20 24.60
CA THR C 302 2.75 22.31 25.21
C THR C 302 3.91 21.75 26.04
N LYS C 303 5.13 22.09 25.64
CA LYS C 303 6.32 21.58 26.32
C LYS C 303 6.99 22.59 27.26
N SER C 304 7.79 22.08 28.18
CA SER C 304 8.51 22.92 29.13
C SER C 304 9.99 22.92 28.74
N ALA C 305 10.78 23.75 29.41
CA ALA C 305 12.21 23.90 29.13
C ALA C 305 12.98 22.66 28.69
N ASN C 306 12.58 21.49 29.17
CA ASN C 306 13.29 20.26 28.81
C ASN C 306 12.59 19.35 27.81
N HIS C 307 11.73 19.94 26.99
CA HIS C 307 11.00 19.19 25.98
C HIS C 307 10.02 18.18 26.57
N ALA C 308 9.80 18.31 27.88
CA ALA C 308 8.86 17.46 28.58
C ALA C 308 7.47 18.01 28.26
N VAL C 309 6.53 17.14 27.89
CA VAL C 309 5.18 17.61 27.57
C VAL C 309 4.38 17.88 28.83
N GLU C 310 3.98 19.14 29.01
CA GLU C 310 3.23 19.56 30.18
C GLU C 310 1.72 19.62 30.00
N GLU C 311 1.27 19.95 28.79
CA GLU C 311 -0.16 20.02 28.54
C GLU C 311 -0.56 19.35 27.23
N VAL C 312 -1.83 18.97 27.12
CA VAL C 312 -2.36 18.35 25.91
C VAL C 312 -3.78 18.83 25.71
N ARG C 313 -4.04 19.42 24.57
CA ARG C 313 -5.38 19.91 24.25
C ARG C 313 -5.87 19.17 23.04
N LEU C 314 -7.06 18.60 23.14
CA LEU C 314 -7.64 17.88 22.01
C LEU C 314 -8.99 18.51 21.66
N ARG C 315 -9.20 18.79 20.38
CA ARG C 315 -10.46 19.39 19.95
C ARG C 315 -11.67 18.59 20.45
N LYS C 316 -12.70 19.30 20.90
CA LYS C 316 -13.91 18.67 21.40
C LYS C 316 -14.75 18.13 20.25
N LEU D 8 -7.10 12.47 -14.75
CA LEU D 8 -7.84 11.21 -14.52
C LEU D 8 -8.24 11.04 -13.06
N THR D 10 -8.94 12.47 -9.20
CA THR D 10 -9.19 13.57 -8.29
C THR D 10 -9.49 13.09 -6.87
N PRO D 11 -9.37 14.00 -5.90
CA PRO D 11 -9.63 13.67 -4.49
C PRO D 11 -11.11 13.36 -4.28
N TYR D 12 -11.86 13.25 -5.37
CA TYR D 12 -13.29 12.97 -5.30
C TYR D 12 -13.73 11.72 -6.03
N LEU D 13 -14.71 11.06 -5.44
CA LEU D 13 -15.33 9.86 -6.00
C LEU D 13 -16.39 10.43 -6.90
N GLN D 14 -16.51 9.93 -8.11
CA GLN D 14 -17.53 10.45 -9.01
C GLN D 14 -18.70 9.51 -9.21
N PHE D 15 -19.90 10.09 -9.26
CA PHE D 15 -21.15 9.34 -9.47
C PHE D 15 -22.06 10.11 -10.40
N ASP D 16 -22.54 9.47 -11.46
CA ASP D 16 -23.47 10.16 -12.34
C ASP D 16 -24.83 9.96 -11.71
N ARG D 17 -25.86 10.59 -12.26
CA ARG D 17 -27.22 10.45 -11.74
C ARG D 17 -27.53 8.99 -11.49
N ASN D 18 -27.27 8.17 -12.50
CA ASN D 18 -27.50 6.73 -12.45
C ASN D 18 -26.91 5.98 -11.26
N GLN D 19 -25.58 5.89 -11.20
CA GLN D 19 -24.94 5.20 -10.10
C GLN D 19 -25.45 5.63 -8.71
N TRP D 20 -25.79 6.92 -8.57
CA TRP D 20 -26.28 7.46 -7.30
C TRP D 20 -27.65 6.91 -6.92
N ALA D 21 -28.62 7.21 -7.78
CA ALA D 21 -29.99 6.76 -7.60
C ALA D 21 -30.05 5.22 -7.59
N ALA D 22 -28.86 4.61 -7.61
CA ALA D 22 -28.70 3.16 -7.62
C ALA D 22 -28.38 2.64 -6.22
N LEU D 23 -27.49 3.33 -5.52
CA LEU D 23 -27.07 2.94 -4.19
C LEU D 23 -28.13 3.26 -3.13
N ARG D 24 -29.35 3.51 -3.59
CA ARG D 24 -30.44 3.86 -2.70
C ARG D 24 -31.26 2.69 -2.14
N ASP D 25 -31.21 1.53 -2.82
CA ASP D 25 -31.99 0.34 -2.43
C ASP D 25 -31.51 -0.53 -1.26
N SER D 26 -30.27 -0.35 -0.80
CA SER D 26 -29.73 -1.13 0.31
C SER D 26 -30.77 -1.26 1.44
N VAL D 27 -31.50 -0.18 1.68
CA VAL D 27 -32.58 -0.12 2.67
C VAL D 27 -33.76 0.42 1.85
N PRO D 28 -34.98 -0.06 2.11
CA PRO D 28 -36.18 0.41 1.39
C PRO D 28 -36.15 1.93 1.32
N THR D 30 -38.42 5.04 2.83
CA THR D 30 -39.65 5.69 2.40
C THR D 30 -40.22 6.68 3.43
N LEU D 31 -40.47 7.91 2.96
CA LEU D 31 -40.87 9.06 3.71
C LEU D 31 -42.30 9.21 3.38
N SER D 32 -43.23 9.15 4.38
CA SER D 32 -44.62 9.27 3.80
C SER D 32 -45.13 10.71 3.89
N GLU D 33 -46.31 10.74 3.25
CA GLU D 33 -47.26 11.81 3.10
C GLU D 33 -46.97 12.89 4.10
N ASP D 34 -47.65 13.17 5.14
CA ASP D 34 -47.16 14.25 6.06
C ASP D 34 -45.79 14.75 5.78
N GLU D 35 -44.66 14.22 6.14
CA GLU D 35 -43.43 14.96 5.75
C GLU D 35 -43.43 15.28 4.23
N ILE D 36 -43.45 14.37 3.24
CA ILE D 36 -43.83 14.64 1.83
C ILE D 36 -44.73 15.99 1.75
N ALA D 37 -45.77 16.25 2.58
CA ALA D 37 -46.45 17.58 2.44
C ALA D 37 -45.37 18.62 2.86
N ARG D 38 -44.75 18.37 4.01
CA ARG D 38 -43.68 19.23 4.52
C ARG D 38 -42.71 19.57 3.38
N LEU D 39 -42.17 18.55 2.73
CA LEU D 39 -41.24 18.75 1.61
C LEU D 39 -41.92 19.56 0.52
N LYS D 40 -43.13 19.14 0.13
CA LYS D 40 -43.89 19.83 -0.89
C LYS D 40 -44.03 21.29 -0.45
N GLY D 41 -44.13 21.48 0.85
CA GLY D 41 -44.27 22.82 1.40
C GLY D 41 -42.98 23.63 1.32
N ILE D 42 -41.85 22.97 1.51
CA ILE D 42 -40.55 23.63 1.45
C ILE D 42 -40.28 24.19 0.06
N ASN D 43 -40.46 23.37 -0.99
CA ASN D 43 -40.22 23.87 -2.35
C ASN D 43 -41.35 23.74 -3.35
N GLU D 44 -42.04 22.61 -3.34
CA GLU D 44 -43.16 22.41 -4.27
C GLU D 44 -42.70 22.29 -5.72
N ASP D 45 -41.50 22.74 -6.03
CA ASP D 45 -40.96 22.63 -7.39
C ASP D 45 -39.99 21.46 -7.34
N LEU D 46 -39.86 20.92 -6.14
CA LEU D 46 -39.01 19.78 -5.86
C LEU D 46 -39.86 18.53 -6.07
N SER D 47 -39.46 17.68 -7.03
CA SER D 47 -40.21 16.46 -7.31
C SER D 47 -39.94 15.41 -6.24
N LEU D 48 -40.90 14.53 -6.00
CA LEU D 48 -40.70 13.48 -5.00
C LEU D 48 -39.72 12.47 -5.61
N GLU D 49 -39.71 12.41 -6.94
CA GLU D 49 -38.80 11.52 -7.65
C GLU D 49 -37.39 11.96 -7.28
N GLU D 50 -37.15 13.27 -7.41
CA GLU D 50 -35.85 13.87 -7.11
C GLU D 50 -35.48 13.61 -5.66
N VAL D 51 -36.45 13.69 -4.79
CA VAL D 51 -36.19 13.47 -3.38
C VAL D 51 -35.73 12.05 -3.09
N ALA D 52 -36.50 11.08 -3.56
CA ALA D 52 -36.19 9.67 -3.35
C ALA D 52 -34.90 9.24 -4.01
N GLU D 53 -34.69 9.73 -5.24
CA GLU D 53 -33.52 9.39 -6.02
C GLU D 53 -32.23 10.07 -5.61
N ILE D 54 -32.34 11.30 -5.10
CA ILE D 54 -31.15 12.05 -4.73
C ILE D 54 -30.97 12.39 -3.25
N TYR D 55 -31.90 13.14 -2.68
CA TYR D 55 -31.76 13.55 -1.29
C TYR D 55 -31.91 12.47 -0.23
N LEU D 56 -32.81 11.51 -0.41
CA LEU D 56 -32.95 10.44 0.56
C LEU D 56 -31.61 9.69 0.68
N PRO D 57 -31.04 9.22 -0.46
CA PRO D 57 -29.76 8.51 -0.35
C PRO D 57 -28.68 9.41 0.24
N LEU D 58 -28.75 10.70 -0.09
CA LEU D 58 -27.79 11.69 0.41
C LEU D 58 -27.82 11.70 1.93
N SER D 59 -29.03 11.78 2.47
CA SER D 59 -29.21 11.78 3.91
C SER D 59 -28.76 10.46 4.55
N ARG D 60 -28.96 9.34 3.85
CA ARG D 60 -28.52 8.05 4.40
C ARG D 60 -26.99 8.11 4.49
N LEU D 61 -26.37 8.67 3.44
CA LEU D 61 -24.93 8.80 3.39
C LEU D 61 -24.50 9.54 4.65
N LEU D 62 -24.97 10.77 4.77
CA LEU D 62 -24.66 11.62 5.92
C LEU D 62 -24.82 10.86 7.23
N ASN D 63 -25.93 10.15 7.37
CA ASN D 63 -26.12 9.41 8.60
C ASN D 63 -24.92 8.54 8.91
N PHE D 64 -24.39 7.84 7.89
CA PHE D 64 -23.24 6.96 8.07
C PHE D 64 -22.08 7.70 8.70
N TYR D 65 -21.87 8.93 8.23
CA TYR D 65 -20.80 9.78 8.74
C TYR D 65 -21.08 10.24 10.17
N ILE D 66 -22.33 10.65 10.40
CA ILE D 66 -22.73 11.12 11.72
C ILE D 66 -22.67 10.02 12.76
N SER D 67 -23.30 8.87 12.48
CA SER D 67 -23.30 7.76 13.42
C SER D 67 -21.90 7.23 13.64
N SER D 68 -21.10 7.15 12.58
CA SER D 68 -19.76 6.68 12.78
C SER D 68 -19.11 7.60 13.81
N ASN D 69 -19.48 8.88 13.74
CA ASN D 69 -18.94 9.88 14.66
C ASN D 69 -19.35 9.60 16.09
N LEU D 70 -20.65 9.40 16.30
CA LEU D 70 -21.15 9.12 17.63
C LEU D 70 -20.44 7.89 18.22
N ARG D 71 -20.24 6.85 17.41
CA ARG D 71 -19.55 5.65 17.88
C ARG D 71 -18.17 6.04 18.39
N ARG D 72 -17.54 6.98 17.72
CA ARG D 72 -16.23 7.46 18.11
C ARG D 72 -16.34 8.14 19.46
N GLN D 73 -17.25 9.11 19.56
CA GLN D 73 -17.45 9.86 20.80
C GLN D 73 -17.47 8.89 21.96
N ALA D 74 -18.37 7.91 21.88
CA ALA D 74 -18.49 6.91 22.93
C ALA D 74 -17.10 6.40 23.31
N VAL D 75 -16.45 5.77 22.35
CA VAL D 75 -15.11 5.21 22.55
C VAL D 75 -14.15 6.14 23.29
N LEU D 76 -14.09 7.40 22.88
CA LEU D 76 -13.20 8.36 23.52
C LEU D 76 -13.79 8.83 24.84
N GLU D 77 -15.11 8.98 24.88
CA GLU D 77 -15.80 9.41 26.10
C GLU D 77 -15.29 8.49 27.22
N GLN D 78 -15.19 7.20 26.89
CA GLN D 78 -14.71 6.20 27.83
C GLN D 78 -13.27 6.51 28.18
N PHE D 79 -12.41 6.23 27.21
CA PHE D 79 -10.97 6.42 27.31
C PHE D 79 -10.47 7.59 28.15
N LEU D 80 -11.08 8.76 27.97
CA LEU D 80 -10.64 9.93 28.72
C LEU D 80 -11.64 10.36 29.77
N GLY D 81 -12.78 9.68 29.79
CA GLY D 81 -13.80 10.05 30.76
C GLY D 81 -14.32 11.42 30.40
N THR D 82 -15.55 11.42 29.92
CA THR D 82 -16.25 12.63 29.54
C THR D 82 -17.67 12.13 29.67
N ASN D 83 -18.58 12.99 30.06
CA ASN D 83 -19.96 12.57 30.20
C ASN D 83 -20.80 13.54 29.39
N GLY D 84 -21.01 14.73 29.95
CA GLY D 84 -21.78 15.76 29.28
C GLY D 84 -21.05 16.35 28.09
N GLN D 85 -21.52 17.53 27.68
CA GLN D 85 -20.98 18.26 26.53
C GLN D 85 -21.64 17.73 25.25
N ARG D 86 -22.72 18.36 24.85
CA ARG D 86 -23.42 17.95 23.64
C ARG D 86 -22.87 18.76 22.48
N ILE D 87 -21.79 18.28 21.87
CA ILE D 87 -21.19 18.96 20.73
C ILE D 87 -21.94 18.47 19.50
N PRO D 88 -22.64 19.38 18.82
CA PRO D 88 -23.39 18.99 17.63
C PRO D 88 -22.55 18.73 16.40
N TYR D 89 -23.15 18.02 15.46
CA TYR D 89 -22.51 17.72 14.21
C TYR D 89 -22.93 18.86 13.28
N ILE D 90 -21.93 19.57 12.75
CA ILE D 90 -22.19 20.70 11.86
C ILE D 90 -21.96 20.38 10.39
N ILE D 91 -22.99 20.63 9.59
CA ILE D 91 -22.98 20.41 8.16
C ILE D 91 -23.17 21.77 7.49
N SER D 92 -22.29 22.14 6.58
CA SER D 92 -22.47 23.42 5.92
C SER D 92 -22.91 23.16 4.50
N ILE D 93 -23.43 24.19 3.84
CA ILE D 93 -23.88 24.10 2.46
C ILE D 93 -23.54 25.42 1.77
N ALA D 94 -22.72 25.34 0.73
CA ALA D 94 -22.33 26.56 0.02
C ALA D 94 -22.82 26.53 -1.41
N GLY D 95 -22.49 27.59 -2.15
CA GLY D 95 -22.91 27.69 -3.53
C GLY D 95 -23.19 29.13 -3.90
N SER D 96 -23.41 29.41 -5.18
CA SER D 96 -23.70 30.77 -5.59
C SER D 96 -25.14 31.12 -5.28
N VAL D 97 -25.59 32.27 -5.78
CA VAL D 97 -26.95 32.75 -5.55
C VAL D 97 -28.02 31.95 -6.28
N ALA D 98 -29.16 31.76 -5.61
CA ALA D 98 -30.29 31.03 -6.19
C ALA D 98 -29.95 29.61 -6.66
N VAL D 99 -28.88 29.05 -6.12
CA VAL D 99 -28.41 27.72 -6.48
C VAL D 99 -29.20 26.57 -5.82
N GLY D 100 -29.89 26.87 -4.73
CA GLY D 100 -30.67 25.85 -4.02
C GLY D 100 -30.13 25.56 -2.62
N LYS D 101 -29.31 26.47 -2.10
CA LYS D 101 -28.72 26.34 -0.76
C LYS D 101 -29.79 26.06 0.29
N SER D 102 -30.73 26.99 0.40
CA SER D 102 -31.82 26.88 1.37
C SER D 102 -32.65 25.61 1.16
N THR D 103 -33.10 25.38 -0.07
CA THR D 103 -33.89 24.18 -0.36
C THR D 103 -33.16 22.96 0.18
N THR D 104 -31.94 22.75 -0.31
CA THR D 104 -31.14 21.62 0.12
C THR D 104 -31.10 21.54 1.64
N ALA D 105 -30.70 22.64 2.28
CA ALA D 105 -30.61 22.68 3.73
C ALA D 105 -31.93 22.24 4.36
N ARG D 106 -32.99 22.99 4.10
CA ARG D 106 -34.29 22.67 4.65
C ARG D 106 -34.63 21.19 4.46
N VAL D 107 -34.50 20.71 3.22
CA VAL D 107 -34.80 19.32 2.91
C VAL D 107 -33.98 18.34 3.75
N LEU D 108 -32.68 18.59 3.86
CA LEU D 108 -31.82 17.73 4.66
C LEU D 108 -32.28 17.74 6.12
N GLN D 109 -32.66 18.93 6.60
CA GLN D 109 -33.14 19.09 7.97
C GLN D 109 -34.33 18.16 8.19
N ALA D 110 -35.21 18.11 7.20
CA ALA D 110 -36.39 17.25 7.29
C ALA D 110 -35.99 15.77 7.38
N LEU D 111 -35.32 15.28 6.35
CA LEU D 111 -34.93 13.87 6.29
C LEU D 111 -33.98 13.41 7.41
N LEU D 112 -33.02 14.24 7.79
CA LEU D 112 -32.08 13.86 8.82
C LEU D 112 -32.67 13.65 10.21
N SER D 113 -33.79 14.30 10.48
CA SER D 113 -34.43 14.17 11.78
C SER D 113 -35.19 12.85 11.96
N ARG D 114 -35.39 12.10 10.88
CA ARG D 114 -36.12 10.84 10.98
C ARG D 114 -35.27 9.64 11.46
N TRP D 115 -34.06 9.93 11.94
CA TRP D 115 -33.16 8.90 12.48
C TRP D 115 -33.19 9.08 14.01
N PRO D 116 -33.50 8.00 14.74
CA PRO D 116 -33.55 8.10 16.20
C PRO D 116 -32.30 8.65 16.86
N GLU D 117 -31.17 8.49 16.18
CA GLU D 117 -29.87 8.84 16.77
C GLU D 117 -29.83 10.34 16.85
N HIS D 118 -30.27 10.91 15.76
CA HIS D 118 -30.24 12.35 15.72
C HIS D 118 -31.40 13.08 16.37
N ARG D 119 -32.45 12.99 15.57
CA ARG D 119 -33.78 13.55 15.71
C ARG D 119 -33.94 15.07 15.66
N ARG D 120 -32.90 15.79 16.10
CA ARG D 120 -32.93 17.27 16.29
C ARG D 120 -31.86 17.94 15.46
N VAL D 121 -32.34 18.65 14.46
CA VAL D 121 -31.51 19.28 13.49
C VAL D 121 -31.91 20.71 13.39
N GLU D 122 -31.00 21.56 13.82
CA GLU D 122 -31.24 22.99 13.72
C GLU D 122 -30.72 23.51 12.39
N LEU D 123 -31.26 24.62 11.93
CA LEU D 123 -30.84 25.18 10.66
C LEU D 123 -30.58 26.66 10.76
N ILE D 124 -29.35 27.05 10.44
CA ILE D 124 -28.96 28.46 10.49
C ILE D 124 -28.55 28.96 9.11
N THR D 125 -29.11 30.09 8.71
CA THR D 125 -28.80 30.68 7.42
C THR D 125 -27.75 31.76 7.63
N THR D 126 -26.71 31.69 6.82
CA THR D 126 -25.60 32.63 6.86
C THR D 126 -26.03 34.10 6.69
N ASP D 127 -27.14 34.32 5.98
CA ASP D 127 -27.65 35.67 5.72
C ASP D 127 -27.77 36.54 6.96
N GLY D 128 -28.20 35.92 8.05
CA GLY D 128 -28.37 36.63 9.30
C GLY D 128 -27.10 37.29 9.82
N PHE D 129 -25.94 36.89 9.31
CA PHE D 129 -24.70 37.47 9.77
C PHE D 129 -24.19 38.63 8.94
N LEU D 130 -24.99 39.03 7.95
CA LEU D 130 -24.61 40.15 7.11
C LEU D 130 -24.69 41.38 8.01
N HIS D 131 -24.00 42.43 7.59
CA HIS D 131 -24.06 43.69 8.33
C HIS D 131 -25.43 44.30 8.02
N PRO D 132 -26.09 44.88 9.02
CA PRO D 132 -27.39 45.47 8.75
C PRO D 132 -27.28 46.52 7.66
N ASN D 133 -28.35 46.66 6.88
CA ASN D 133 -28.40 47.61 5.80
C ASN D 133 -27.78 48.98 6.16
N GLN D 134 -28.20 49.53 7.28
CA GLN D 134 -27.71 50.79 7.77
C GLN D 134 -26.18 50.81 7.62
N VAL D 135 -25.54 49.77 8.13
CA VAL D 135 -24.08 49.64 8.08
C VAL D 135 -23.58 49.53 6.65
N LEU D 136 -24.20 48.64 5.88
CA LEU D 136 -23.81 48.44 4.49
C LEU D 136 -23.86 49.75 3.74
N LYS D 137 -24.88 50.56 4.02
CA LYS D 137 -25.05 51.86 3.39
C LYS D 137 -23.91 52.81 3.75
N GLU D 138 -23.48 52.78 5.01
CA GLU D 138 -22.38 53.62 5.45
C GLU D 138 -21.12 53.23 4.69
N ARG D 139 -21.00 51.93 4.41
CA ARG D 139 -19.84 51.40 3.70
C ARG D 139 -20.03 51.34 2.19
N GLY D 140 -21.18 51.80 1.70
CA GLY D 140 -21.43 51.78 0.26
C GLY D 140 -21.40 50.35 -0.26
N LEU D 141 -22.03 49.46 0.50
CA LEU D 141 -22.04 48.06 0.12
C LEU D 141 -23.42 47.57 -0.08
N LYS D 143 -25.12 47.23 -2.80
CA LYS D 143 -25.32 46.52 -4.02
C LYS D 143 -24.35 45.35 -3.96
N LYS D 144 -23.53 45.28 -2.92
CA LYS D 144 -22.55 44.19 -2.78
C LYS D 144 -22.87 43.23 -1.63
N LYS D 145 -24.15 43.07 -1.33
CA LYS D 145 -24.59 42.15 -0.28
C LYS D 145 -24.17 40.75 -0.71
N GLY D 146 -23.38 40.08 0.12
CA GLY D 146 -22.92 38.73 -0.22
C GLY D 146 -21.42 38.68 -0.45
N PHE D 147 -20.78 39.85 -0.45
CA PHE D 147 -19.33 39.93 -0.62
C PHE D 147 -18.70 39.80 0.74
N PRO D 148 -17.47 39.29 0.80
CA PRO D 148 -16.81 39.14 2.10
C PRO D 148 -16.98 40.33 3.08
N GLU D 149 -16.92 41.56 2.57
CA GLU D 149 -17.06 42.74 3.43
C GLU D 149 -18.47 43.06 3.91
N SER D 150 -19.47 42.42 3.33
CA SER D 150 -20.87 42.63 3.72
C SER D 150 -21.21 41.67 4.85
N TYR D 151 -20.25 40.84 5.22
CA TYR D 151 -20.47 39.86 6.28
C TYR D 151 -19.70 40.24 7.54
N ASP D 152 -20.26 39.87 8.68
CA ASP D 152 -19.62 40.12 9.96
C ASP D 152 -19.16 38.74 10.28
N HIS D 154 -16.62 37.60 11.90
CA HIS D 154 -15.91 37.37 13.12
C HIS D 154 -17.04 36.79 14.00
N ARG D 155 -18.24 37.36 13.86
CA ARG D 155 -19.39 36.90 14.65
C ARG D 155 -19.78 35.49 14.22
N LEU D 156 -19.80 35.25 12.92
CA LEU D 156 -20.16 33.95 12.38
C LEU D 156 -19.20 32.86 12.83
N VAL D 157 -17.90 33.12 12.68
CA VAL D 157 -16.91 32.14 13.10
C VAL D 157 -17.06 31.86 14.59
N LYS D 158 -17.30 32.91 15.35
CA LYS D 158 -17.47 32.79 16.79
C LYS D 158 -18.67 31.91 17.08
N PHE D 159 -19.69 32.01 16.23
CA PHE D 159 -20.91 31.23 16.41
C PHE D 159 -20.62 29.73 16.39
N VAL D 160 -20.06 29.25 15.29
CA VAL D 160 -19.76 27.82 15.18
C VAL D 160 -18.72 27.45 16.23
N SER D 161 -17.79 28.38 16.47
CA SER D 161 -16.76 28.14 17.45
C SER D 161 -17.38 27.83 18.82
N ASP D 162 -18.30 28.68 19.26
CA ASP D 162 -18.97 28.48 20.55
C ASP D 162 -19.69 27.13 20.49
N LEU D 163 -20.43 26.92 19.40
CA LEU D 163 -21.18 25.68 19.21
C LEU D 163 -20.25 24.50 19.44
N LYS D 164 -19.06 24.58 18.85
CA LYS D 164 -18.07 23.51 18.95
C LYS D 164 -17.32 23.57 20.27
N SER D 165 -17.67 24.55 21.09
CA SER D 165 -17.03 24.74 22.38
C SER D 165 -17.81 24.14 23.53
N GLY D 166 -19.08 23.81 23.28
CA GLY D 166 -19.89 23.23 24.32
C GLY D 166 -20.84 24.23 24.95
N VAL D 167 -20.76 25.49 24.54
CA VAL D 167 -21.68 26.49 25.09
C VAL D 167 -23.10 25.96 24.83
N PRO D 168 -23.90 25.79 25.89
CA PRO D 168 -25.28 25.28 25.89
C PRO D 168 -26.24 25.92 24.88
N ASN D 169 -26.56 27.19 25.10
CA ASN D 169 -27.47 27.89 24.21
C ASN D 169 -26.71 29.04 23.57
N VAL D 170 -26.56 28.98 22.26
CA VAL D 170 -25.85 30.01 21.51
C VAL D 170 -26.87 30.69 20.61
N THR D 171 -26.84 32.02 20.58
CA THR D 171 -27.78 32.79 19.77
C THR D 171 -27.17 33.27 18.45
N ALA D 172 -28.04 33.39 17.45
CA ALA D 172 -27.61 33.84 16.14
C ALA D 172 -28.57 34.88 15.56
N PRO D 173 -28.02 35.89 14.87
CA PRO D 173 -28.87 36.92 14.27
C PRO D 173 -29.71 36.29 13.18
N VAL D 174 -30.84 36.91 12.83
CA VAL D 174 -31.70 36.34 11.79
C VAL D 174 -31.97 37.32 10.66
N TYR D 175 -31.97 36.82 9.43
CA TYR D 175 -32.22 37.66 8.28
C TYR D 175 -33.69 37.53 7.89
N SER D 176 -34.31 38.64 7.50
CA SER D 176 -35.72 38.64 7.10
C SER D 176 -35.81 38.76 5.59
N HIS D 177 -36.55 37.84 4.97
CA HIS D 177 -36.68 37.89 3.51
C HIS D 177 -37.87 38.74 3.09
N LEU D 178 -38.46 39.44 4.06
CA LEU D 178 -39.58 40.32 3.79
C LEU D 178 -39.02 41.74 3.70
N ILE D 179 -38.23 42.12 4.71
CA ILE D 179 -37.63 43.44 4.77
C ILE D 179 -36.21 43.42 4.21
N TYR D 180 -35.67 42.21 4.05
CA TYR D 180 -34.32 42.00 3.52
C TYR D 180 -33.24 42.78 4.26
N ASP D 181 -33.18 42.52 5.56
CA ASP D 181 -32.22 43.14 6.46
C ASP D 181 -32.26 42.26 7.68
N VAL D 182 -31.21 42.31 8.49
CA VAL D 182 -31.16 41.49 9.70
C VAL D 182 -32.14 42.02 10.73
N ILE D 183 -33.05 41.15 11.14
CA ILE D 183 -34.07 41.51 12.13
C ILE D 183 -33.46 42.09 13.41
N PRO D 184 -33.73 43.38 13.68
CA PRO D 184 -33.24 44.11 14.86
C PRO D 184 -33.12 43.24 16.10
N ASP D 185 -34.25 42.76 16.61
CA ASP D 185 -34.19 41.92 17.80
C ASP D 185 -34.87 40.59 17.59
N GLY D 186 -34.51 39.92 16.49
CA GLY D 186 -35.08 38.63 16.18
C GLY D 186 -34.10 37.49 16.27
N ASP D 187 -33.03 37.68 17.04
CA ASP D 187 -32.00 36.64 17.18
C ASP D 187 -32.64 35.32 17.61
N LYS D 188 -32.13 34.22 17.04
CA LYS D 188 -32.63 32.87 17.34
C LYS D 188 -31.67 32.18 18.29
N THR D 189 -32.23 31.35 19.15
CA THR D 189 -31.43 30.63 20.13
C THR D 189 -31.30 29.14 19.81
N VAL D 190 -30.07 28.69 19.58
CA VAL D 190 -29.84 27.30 19.27
C VAL D 190 -29.66 26.55 20.58
N VAL D 191 -30.70 25.81 20.95
CA VAL D 191 -30.68 25.03 22.18
C VAL D 191 -30.13 23.62 21.93
N GLN D 192 -28.81 23.49 22.04
CA GLN D 192 -28.09 22.23 21.84
C GLN D 192 -28.73 21.17 20.94
N PRO D 193 -28.60 21.31 19.62
CA PRO D 193 -29.20 20.36 18.68
C PRO D 193 -28.23 19.21 18.44
N ASP D 194 -28.67 18.15 17.74
CA ASP D 194 -27.78 17.04 17.46
C ASP D 194 -26.96 17.41 16.24
N ILE D 195 -27.66 17.91 15.23
CA ILE D 195 -27.05 18.34 13.99
C ILE D 195 -27.48 19.77 13.71
N LEU D 196 -26.54 20.57 13.23
CA LEU D 196 -26.84 21.94 12.89
C LEU D 196 -26.37 22.13 11.45
N ILE D 197 -27.27 22.59 10.59
CA ILE D 197 -26.94 22.82 9.21
C ILE D 197 -26.72 24.31 9.00
N LEU D 198 -25.55 24.69 8.49
CA LEU D 198 -25.24 26.09 8.25
C LEU D 198 -25.22 26.38 6.74
N GLU D 199 -26.26 27.05 6.26
CA GLU D 199 -26.42 27.38 4.83
C GLU D 199 -26.08 28.82 4.49
N GLY D 200 -25.25 29.00 3.46
CA GLY D 200 -24.86 30.33 3.05
C GLY D 200 -23.84 30.31 1.92
N LEU D 201 -23.52 31.48 1.37
CA LEU D 201 -22.56 31.54 0.28
C LEU D 201 -21.11 31.44 0.70
N ASN D 202 -20.82 31.90 1.91
CA ASN D 202 -19.44 31.95 2.40
C ASN D 202 -18.96 30.87 3.34
N VAL D 203 -19.78 29.84 3.60
CA VAL D 203 -19.38 28.79 4.52
C VAL D 203 -18.00 28.12 4.27
N LEU D 204 -17.49 28.19 3.05
CA LEU D 204 -16.19 27.57 2.73
C LEU D 204 -15.04 28.53 2.52
N GLN D 205 -15.21 29.78 2.95
CA GLN D 205 -14.14 30.77 2.81
C GLN D 205 -13.24 30.81 4.03
N SER D 206 -12.08 31.41 3.84
CA SER D 206 -11.12 31.53 4.92
C SER D 206 -10.64 32.98 4.98
N GLY D 207 -9.68 33.22 5.85
CA GLY D 207 -9.15 34.56 5.98
C GLY D 207 -8.63 35.10 4.68
N ASP D 209 -10.02 35.36 2.01
CA ASP D 209 -11.09 36.14 1.44
C ASP D 209 -11.48 37.42 2.19
N TYR D 210 -10.92 37.64 3.38
CA TYR D 210 -11.21 38.83 4.19
C TYR D 210 -9.90 39.53 4.56
N PRO D 211 -9.21 40.10 3.57
CA PRO D 211 -7.94 40.79 3.82
C PRO D 211 -8.11 42.12 4.56
N HIS D 212 -9.31 42.68 4.43
CA HIS D 212 -9.66 43.96 5.05
C HIS D 212 -9.81 43.82 6.55
N ASP D 213 -10.11 42.61 7.00
CA ASP D 213 -10.26 42.29 8.41
C ASP D 213 -10.14 40.77 8.52
N PRO D 214 -8.90 40.28 8.44
CA PRO D 214 -8.57 38.86 8.51
C PRO D 214 -8.93 38.13 9.79
N HIS D 215 -9.11 36.83 9.65
CA HIS D 215 -9.39 35.95 10.77
C HIS D 215 -8.50 34.74 10.50
N HIS D 216 -8.07 34.05 11.55
CA HIS D 216 -7.15 32.92 11.38
C HIS D 216 -7.63 31.51 11.69
N VAL D 217 -8.89 31.37 12.02
CA VAL D 217 -9.47 30.06 12.30
C VAL D 217 -10.77 30.18 11.53
N PHE D 218 -10.97 29.30 10.56
CA PHE D 218 -12.15 29.37 9.74
C PHE D 218 -13.34 28.55 10.12
N VAL D 219 -14.46 28.90 9.49
CA VAL D 219 -15.70 28.22 9.70
C VAL D 219 -15.49 26.75 9.44
N SER D 220 -14.82 26.42 8.33
CA SER D 220 -14.57 25.03 7.99
C SER D 220 -13.97 24.27 9.16
N ASP D 221 -13.13 24.95 9.94
CA ASP D 221 -12.48 24.32 11.07
C ASP D 221 -13.47 23.93 12.16
N PHE D 222 -14.72 24.31 11.99
CA PHE D 222 -15.76 24.00 12.95
C PHE D 222 -16.92 23.29 12.28
N VAL D 223 -16.72 22.90 11.03
CA VAL D 223 -17.76 22.19 10.31
C VAL D 223 -17.27 20.77 10.12
N ASP D 224 -18.16 19.80 10.31
CA ASP D 224 -17.80 18.39 10.14
C ASP D 224 -17.96 17.90 8.71
N PHE D 225 -19.00 18.38 8.03
CA PHE D 225 -19.25 17.97 6.66
C PHE D 225 -19.74 19.14 5.81
N SER D 226 -19.03 19.47 4.75
CA SER D 226 -19.46 20.58 3.90
C SER D 226 -19.92 20.12 2.51
N ILE D 227 -21.00 20.73 2.03
CA ILE D 227 -21.61 20.44 0.73
C ILE D 227 -21.64 21.68 -0.14
N TYR D 228 -21.07 21.60 -1.34
CA TYR D 228 -21.10 22.72 -2.28
C TYR D 228 -22.06 22.41 -3.42
N VAL D 229 -22.99 23.31 -3.69
CA VAL D 229 -23.95 23.10 -4.76
C VAL D 229 -23.46 23.81 -6.03
N ASP D 230 -23.04 23.02 -7.02
CA ASP D 230 -22.52 23.57 -8.26
C ASP D 230 -23.42 23.47 -9.47
N ALA D 231 -23.04 24.21 -10.50
CA ALA D 231 -23.75 24.26 -11.76
C ALA D 231 -22.95 25.19 -12.67
N PRO D 232 -22.98 24.95 -13.99
CA PRO D 232 -22.25 25.78 -14.96
C PRO D 232 -22.64 27.27 -14.91
N GLU D 233 -21.69 28.14 -15.21
CA GLU D 233 -21.90 29.60 -15.21
C GLU D 233 -23.20 30.09 -15.83
N ASP D 234 -23.39 29.78 -17.11
CA ASP D 234 -24.58 30.17 -17.85
C ASP D 234 -25.85 29.91 -17.04
N LEU D 235 -25.88 28.78 -16.34
CA LEU D 235 -27.04 28.41 -15.53
C LEU D 235 -27.17 29.34 -14.32
N LEU D 236 -26.08 29.50 -13.57
CA LEU D 236 -26.06 30.37 -12.41
C LEU D 236 -26.58 31.73 -12.81
N GLN D 237 -26.19 32.16 -14.00
CA GLN D 237 -26.64 33.43 -14.53
C GLN D 237 -28.17 33.45 -14.62
N THR D 238 -28.73 32.49 -15.34
CA THR D 238 -30.17 32.41 -15.47
C THR D 238 -30.88 32.40 -14.12
N TRP D 239 -30.40 31.57 -13.21
CA TRP D 239 -31.01 31.46 -11.89
C TRP D 239 -30.98 32.79 -11.16
N TYR D 240 -29.87 33.50 -11.29
CA TYR D 240 -29.71 34.80 -10.66
C TYR D 240 -30.79 35.74 -11.22
N ILE D 241 -30.87 35.81 -12.55
CA ILE D 241 -31.85 36.64 -13.24
C ILE D 241 -33.28 36.37 -12.77
N ASN D 242 -33.64 35.08 -12.79
CA ASN D 242 -34.95 34.65 -12.39
C ASN D 242 -35.26 35.11 -10.96
N ARG D 243 -34.28 34.96 -10.07
CA ARG D 243 -34.46 35.40 -8.68
C ARG D 243 -34.76 36.89 -8.69
N PHE D 244 -33.95 37.64 -9.45
CA PHE D 244 -34.11 39.07 -9.57
C PHE D 244 -35.49 39.41 -10.08
N LEU D 245 -35.91 38.74 -11.14
CA LEU D 245 -37.21 38.98 -11.73
C LEU D 245 -38.33 38.75 -10.71
N LYS D 246 -38.23 37.65 -9.97
CA LYS D 246 -39.24 37.33 -8.98
C LYS D 246 -39.18 38.17 -7.72
N PHE D 247 -38.05 38.06 -7.01
CA PHE D 247 -37.83 38.76 -5.75
C PHE D 247 -37.57 40.27 -5.82
N ARG D 248 -37.37 40.82 -7.02
CA ARG D 248 -37.11 42.25 -7.11
C ARG D 248 -37.89 43.02 -8.15
N GLU D 249 -38.65 42.34 -9.01
CA GLU D 249 -39.47 43.03 -9.99
C GLU D 249 -40.91 42.87 -9.50
N GLY D 250 -41.34 41.63 -9.35
CA GLY D 250 -42.69 41.37 -8.88
C GLY D 250 -42.72 41.20 -7.38
N ALA D 251 -41.69 41.72 -6.70
CA ALA D 251 -41.58 41.64 -5.24
C ALA D 251 -42.37 42.75 -4.60
N PHE D 252 -43.13 43.48 -5.43
CA PHE D 252 -43.93 44.60 -4.94
C PHE D 252 -42.86 45.58 -4.43
N THR D 253 -41.68 44.99 -4.14
CA THR D 253 -40.52 45.67 -3.59
C THR D 253 -41.01 46.90 -2.84
N ASP D 254 -41.97 46.63 -1.94
CA ASP D 254 -42.60 47.62 -1.10
C ASP D 254 -41.72 48.86 -1.02
N PRO D 255 -42.31 50.04 -1.24
CA PRO D 255 -41.62 51.33 -1.20
C PRO D 255 -40.52 51.52 -0.14
N ASP D 256 -40.41 50.57 0.78
CA ASP D 256 -39.38 50.65 1.82
C ASP D 256 -38.04 50.08 1.37
N SER D 257 -38.07 49.03 0.55
CA SER D 257 -36.85 48.41 0.05
C SER D 257 -35.95 49.44 -0.62
N TYR D 258 -34.68 49.44 -0.20
CA TYR D 258 -33.69 50.37 -0.73
C TYR D 258 -33.74 50.33 -2.26
N PHE D 259 -34.25 49.22 -2.77
CA PHE D 259 -34.36 48.99 -4.20
C PHE D 259 -35.76 49.22 -4.75
N HIS D 260 -36.60 49.99 -4.07
CA HIS D 260 -37.94 50.16 -4.58
C HIS D 260 -38.02 50.54 -6.06
N ASN D 261 -37.06 51.33 -6.53
CA ASN D 261 -37.09 51.76 -7.92
C ASN D 261 -37.11 50.63 -8.94
N TYR D 262 -36.66 49.45 -8.53
CA TYR D 262 -36.65 48.32 -9.44
C TYR D 262 -38.04 47.78 -9.68
N ALA D 263 -38.99 48.24 -8.87
CA ALA D 263 -40.39 47.83 -9.00
C ALA D 263 -40.96 48.28 -10.35
N LYS D 264 -40.73 49.54 -10.70
CA LYS D 264 -41.25 50.09 -11.94
C LYS D 264 -40.64 49.48 -13.17
N LEU D 265 -39.52 48.76 -12.97
CA LEU D 265 -38.83 48.10 -14.06
C LEU D 265 -39.75 47.16 -14.83
N THR D 266 -39.62 47.15 -16.16
CA THR D 266 -40.44 46.25 -16.99
C THR D 266 -39.62 44.99 -17.13
N LYS D 267 -40.28 43.90 -17.47
CA LYS D 267 -39.63 42.60 -17.67
C LYS D 267 -38.29 42.74 -18.39
N GLU D 268 -38.34 43.22 -19.63
CA GLU D 268 -37.13 43.39 -20.42
C GLU D 268 -36.06 44.23 -19.69
N GLU D 269 -36.47 45.32 -19.07
CA GLU D 269 -35.53 46.17 -18.35
C GLU D 269 -34.99 45.42 -17.12
N ALA D 270 -35.87 44.67 -16.43
CA ALA D 270 -35.47 43.91 -15.25
C ALA D 270 -34.37 42.93 -15.65
N ILE D 271 -34.59 42.18 -16.72
CA ILE D 271 -33.60 41.22 -17.20
C ILE D 271 -32.32 41.98 -17.54
N LYS D 272 -32.47 43.10 -18.21
CA LYS D 272 -31.32 43.92 -18.58
C LYS D 272 -30.49 44.32 -17.36
N THR D 273 -31.19 44.79 -16.33
CA THR D 273 -30.58 45.22 -15.09
C THR D 273 -29.91 44.00 -14.43
N ALA D 274 -30.69 42.93 -14.28
CA ALA D 274 -30.19 41.72 -13.67
C ALA D 274 -28.86 41.36 -14.29
N THR D 276 -26.66 43.25 -15.75
CA THR D 276 -25.59 44.19 -15.56
C THR D 276 -25.11 43.93 -14.12
N LEU D 277 -26.06 43.71 -13.21
CA LEU D 277 -25.69 43.43 -11.83
C LEU D 277 -24.82 42.18 -11.75
N TRP D 278 -25.25 41.12 -12.43
CA TRP D 278 -24.50 39.88 -12.46
C TRP D 278 -23.14 40.11 -13.09
N LYS D 279 -23.15 40.48 -14.36
CA LYS D 279 -21.92 40.71 -15.10
C LYS D 279 -20.92 41.59 -14.35
N GLU D 280 -21.42 42.59 -13.64
CA GLU D 280 -20.54 43.53 -12.96
C GLU D 280 -20.22 43.31 -11.50
N ILE D 281 -21.08 42.60 -10.79
CA ILE D 281 -20.84 42.39 -9.38
C ILE D 281 -20.84 40.94 -8.94
N ASN D 282 -22.03 40.33 -8.96
CA ASN D 282 -22.18 38.94 -8.53
C ASN D 282 -21.41 37.89 -9.31
N TRP D 283 -21.27 38.08 -10.62
CA TRP D 283 -20.49 37.12 -11.40
C TRP D 283 -19.06 37.19 -10.83
N LEU D 284 -18.64 38.41 -10.50
CA LEU D 284 -17.32 38.65 -9.92
C LEU D 284 -17.22 37.97 -8.57
N ASN D 285 -18.28 38.07 -7.79
CA ASN D 285 -18.29 37.46 -6.46
C ASN D 285 -18.12 35.96 -6.57
N LEU D 286 -18.89 35.34 -7.47
CA LEU D 286 -18.80 33.90 -7.66
C LEU D 286 -17.39 33.58 -8.13
N LYS D 287 -17.02 34.15 -9.27
CA LYS D 287 -15.72 33.90 -9.85
C LYS D 287 -14.58 33.92 -8.86
N GLN D 288 -14.52 34.91 -7.99
CA GLN D 288 -13.38 34.93 -7.09
C GLN D 288 -13.55 34.68 -5.61
N ASN D 289 -14.77 34.70 -5.10
CA ASN D 289 -14.97 34.46 -3.67
C ASN D 289 -15.70 33.16 -3.36
N ILE D 290 -16.48 32.66 -4.31
CA ILE D 290 -17.24 31.42 -4.11
C ILE D 290 -16.68 30.18 -4.84
N LEU D 291 -16.66 30.23 -6.16
CA LEU D 291 -16.16 29.13 -6.98
C LEU D 291 -14.82 28.55 -6.49
N PRO D 292 -13.86 29.41 -6.15
CA PRO D 292 -12.56 28.95 -5.66
C PRO D 292 -12.60 28.07 -4.42
N THR D 293 -13.71 28.10 -3.68
CA THR D 293 -13.81 27.29 -2.47
C THR D 293 -14.51 25.96 -2.71
N ARG D 294 -14.98 25.74 -3.93
CA ARG D 294 -15.68 24.51 -4.25
C ARG D 294 -14.90 23.25 -3.86
N GLU D 295 -13.65 23.18 -4.29
CA GLU D 295 -12.81 22.04 -4.00
C GLU D 295 -12.49 21.89 -2.50
N ARG D 296 -12.96 22.83 -1.68
CA ARG D 296 -12.78 22.77 -0.22
C ARG D 296 -13.97 21.99 0.38
N ALA D 297 -14.92 21.63 -0.46
CA ALA D 297 -16.12 20.90 -0.03
C ALA D 297 -15.88 19.42 0.21
N SER D 298 -16.73 18.84 1.05
CA SER D 298 -16.63 17.43 1.37
C SER D 298 -17.34 16.67 0.26
N LEU D 299 -18.43 17.24 -0.20
CA LEU D 299 -19.22 16.63 -1.26
C LEU D 299 -19.74 17.74 -2.16
N ILE D 300 -19.77 17.48 -3.47
CA ILE D 300 -20.24 18.46 -4.43
C ILE D 300 -21.44 17.94 -5.21
N LEU D 301 -22.42 18.81 -5.41
CA LEU D 301 -23.61 18.45 -6.15
C LEU D 301 -23.61 19.26 -7.42
N THR D 302 -23.80 18.59 -8.54
CA THR D 302 -23.82 19.27 -9.83
C THR D 302 -25.24 19.19 -10.39
N LYS D 303 -25.84 20.35 -10.61
CA LYS D 303 -27.21 20.44 -11.12
C LYS D 303 -27.30 20.79 -12.60
N SER D 304 -28.43 20.41 -13.18
CA SER D 304 -28.71 20.69 -14.57
C SER D 304 -29.72 21.85 -14.60
N ALA D 305 -29.97 22.36 -15.78
CA ALA D 305 -30.88 23.49 -15.98
C ALA D 305 -32.14 23.53 -15.10
N ASN D 306 -32.69 22.37 -14.75
CA ASN D 306 -33.90 22.37 -13.92
C ASN D 306 -33.71 21.94 -12.46
N HIS D 307 -32.51 22.21 -11.96
CA HIS D 307 -32.16 21.91 -10.58
C HIS D 307 -32.07 20.43 -10.25
N ALA D 308 -32.16 19.60 -11.26
CA ALA D 308 -32.04 18.16 -11.08
C ALA D 308 -30.56 17.89 -10.88
N VAL D 309 -30.22 17.04 -9.92
CA VAL D 309 -28.81 16.74 -9.69
C VAL D 309 -28.31 15.69 -10.65
N GLU D 310 -27.29 16.05 -11.42
CA GLU D 310 -26.71 15.13 -12.42
C GLU D 310 -25.46 14.39 -11.94
N GLU D 311 -24.67 15.02 -11.07
CA GLU D 311 -23.45 14.38 -10.55
C GLU D 311 -23.29 14.57 -9.06
N VAL D 312 -22.50 13.70 -8.47
CA VAL D 312 -22.22 13.76 -7.05
C VAL D 312 -20.77 13.32 -6.84
N ARG D 313 -20.00 14.14 -6.15
CA ARG D 313 -18.63 13.81 -5.87
C ARG D 313 -18.42 13.85 -4.38
N LEU D 314 -17.82 12.80 -3.85
CA LEU D 314 -17.57 12.70 -2.42
C LEU D 314 -16.07 12.48 -2.22
N ARG D 315 -15.46 13.27 -1.35
CA ARG D 315 -14.05 13.14 -1.11
C ARG D 315 -13.66 11.73 -0.72
N LYS D 316 -12.54 11.26 -1.29
CA LYS D 316 -12.06 9.93 -1.00
C LYS D 316 -11.48 9.87 0.40
#